data_2K7M
#
_entry.id   2K7M
#
_cell.length_a   1.000
_cell.length_b   1.000
_cell.length_c   1.000
_cell.angle_alpha   90.00
_cell.angle_beta   90.00
_cell.angle_gamma   90.00
#
_symmetry.space_group_name_H-M   'P 1'
#
_entity_poly.entity_id   1
_entity_poly.type   'polypeptide(L)'
_entity_poly.pdbx_seq_one_letter_code
;GPLGSTSLVQGLTPPPDFNQCLKNSPDEKFFSDFSNNMGSRKNPDPLATEEVPNQEQIPEEGFIHTQYGQKPEQPSGASA
GHRFPQGYHSDKRRLSKASSKARSDDLSV
;
_entity_poly.pdbx_strand_id   A
#
# COMPACT_ATOMS: atom_id res chain seq x y z
N GLY A 1 -60.95 -15.71 40.63
CA GLY A 1 -62.14 -15.09 41.26
C GLY A 1 -62.79 -14.08 40.35
N PRO A 2 -63.45 -13.06 40.90
CA PRO A 2 -64.06 -11.98 40.11
C PRO A 2 -63.00 -11.15 39.39
N LEU A 3 -63.36 -10.61 38.23
CA LEU A 3 -62.45 -9.79 37.40
C LEU A 3 -61.35 -10.65 36.77
N GLY A 4 -61.43 -11.96 36.97
CA GLY A 4 -60.46 -12.86 36.41
C GLY A 4 -60.95 -14.29 36.40
N SER A 5 -62.17 -14.47 35.91
CA SER A 5 -62.79 -15.79 35.92
C SER A 5 -62.51 -16.52 34.60
N THR A 6 -62.93 -15.91 33.50
CA THR A 6 -62.78 -16.51 32.19
C THR A 6 -61.59 -15.93 31.44
N SER A 7 -61.43 -14.62 31.50
CA SER A 7 -60.34 -13.96 30.82
C SER A 7 -59.06 -14.04 31.65
N LEU A 8 -58.26 -15.06 31.37
CA LEU A 8 -57.00 -15.25 32.08
C LEU A 8 -55.82 -14.94 31.20
N VAL A 9 -55.15 -13.84 31.48
CA VAL A 9 -53.96 -13.46 30.74
C VAL A 9 -52.68 -13.78 31.51
N GLN A 10 -51.89 -14.68 30.96
CA GLN A 10 -50.62 -15.06 31.57
C GLN A 10 -49.47 -14.53 30.70
N GLY A 11 -49.08 -13.29 30.95
CA GLY A 11 -48.03 -12.67 30.17
C GLY A 11 -46.84 -12.27 31.00
N LEU A 12 -46.01 -13.25 31.36
CA LEU A 12 -44.82 -12.99 32.17
C LEU A 12 -43.84 -14.15 31.99
N THR A 13 -44.08 -14.95 30.97
CA THR A 13 -43.28 -16.14 30.73
C THR A 13 -41.88 -15.77 30.24
N PRO A 14 -40.86 -16.21 30.99
CA PRO A 14 -39.44 -15.89 30.71
C PRO A 14 -38.97 -16.12 29.25
N PRO A 15 -39.26 -17.28 28.58
CA PRO A 15 -38.76 -17.54 27.23
C PRO A 15 -39.01 -16.39 26.21
N PRO A 16 -40.25 -15.91 26.02
CA PRO A 16 -40.50 -14.78 25.15
C PRO A 16 -40.28 -13.45 25.86
N ASP A 17 -40.18 -12.37 25.10
CA ASP A 17 -39.92 -11.05 25.68
C ASP A 17 -41.21 -10.26 25.89
N PHE A 18 -42.12 -10.39 24.93
CA PHE A 18 -43.42 -9.69 24.95
C PHE A 18 -43.29 -8.18 24.74
N ASN A 19 -42.09 -7.63 24.96
CA ASN A 19 -41.90 -6.19 24.91
C ASN A 19 -41.62 -5.68 23.51
N GLN A 20 -41.26 -6.59 22.60
CA GLN A 20 -41.11 -6.23 21.20
C GLN A 20 -42.46 -6.39 20.52
N CYS A 21 -43.50 -6.61 21.33
CA CYS A 21 -44.89 -6.67 20.85
C CYS A 21 -45.12 -7.83 19.87
N LEU A 22 -44.13 -8.72 19.75
CA LEU A 22 -44.24 -9.91 18.91
C LEU A 22 -44.49 -9.56 17.44
N LYS A 23 -44.07 -8.36 17.02
CA LYS A 23 -44.28 -7.93 15.64
C LYS A 23 -43.16 -8.41 14.73
N ASN A 24 -42.40 -9.40 15.22
CA ASN A 24 -41.42 -10.10 14.40
C ASN A 24 -40.20 -9.24 14.07
N SER A 25 -40.43 -8.24 13.22
CA SER A 25 -39.36 -7.50 12.56
C SER A 25 -38.51 -8.46 11.76
N PRO A 26 -39.04 -8.89 10.60
CA PRO A 26 -38.36 -9.85 9.72
C PRO A 26 -37.05 -9.28 9.18
N ASP A 27 -36.93 -7.95 9.21
CA ASP A 27 -35.70 -7.30 8.84
C ASP A 27 -35.43 -6.12 9.76
N GLU A 28 -35.81 -4.94 9.29
CA GLU A 28 -35.59 -3.69 10.01
C GLU A 28 -34.11 -3.48 10.35
N LYS A 29 -33.23 -3.99 9.49
CA LYS A 29 -31.81 -3.73 9.65
C LYS A 29 -31.36 -2.71 8.63
N PHE A 30 -32.17 -2.53 7.58
CA PHE A 30 -31.92 -1.53 6.53
C PHE A 30 -30.83 -2.02 5.57
N PHE A 31 -29.83 -2.70 6.12
CA PHE A 31 -28.77 -3.30 5.31
C PHE A 31 -29.20 -4.66 4.84
N SER A 32 -30.37 -5.09 5.34
CA SER A 32 -31.01 -6.33 4.92
C SER A 32 -30.04 -7.50 5.00
N ASP A 33 -29.24 -7.51 6.06
CA ASP A 33 -28.20 -8.53 6.33
C ASP A 33 -27.36 -8.86 5.09
N PHE A 34 -27.19 -7.86 4.23
CA PHE A 34 -26.32 -7.99 3.06
C PHE A 34 -24.88 -8.15 3.49
N SER A 35 -24.60 -7.64 4.68
CA SER A 35 -23.27 -7.69 5.28
C SER A 35 -23.29 -6.84 6.54
N ASN A 36 -24.10 -5.78 6.51
CA ASN A 36 -24.23 -4.83 7.61
C ASN A 36 -22.98 -3.97 7.78
N ASN A 37 -21.81 -4.61 7.82
CA ASN A 37 -20.54 -3.91 7.98
C ASN A 37 -20.00 -3.55 6.59
N MET A 38 -20.92 -3.38 5.67
CA MET A 38 -20.58 -3.11 4.28
C MET A 38 -20.69 -1.62 3.98
N GLY A 39 -21.58 -0.96 4.73
CA GLY A 39 -21.83 0.45 4.50
C GLY A 39 -20.95 1.35 5.33
N SER A 40 -20.00 0.76 6.04
CA SER A 40 -19.08 1.52 6.88
C SER A 40 -18.19 2.41 6.01
N ARG A 41 -17.66 1.82 4.95
CA ARG A 41 -16.83 2.52 3.97
C ARG A 41 -15.51 3.00 4.58
N LYS A 42 -14.44 2.25 4.32
CA LYS A 42 -13.11 2.63 4.74
C LYS A 42 -12.33 3.14 3.53
N ASN A 43 -11.92 2.20 2.69
CA ASN A 43 -11.22 2.52 1.46
C ASN A 43 -11.66 1.57 0.36
N PRO A 44 -12.80 1.86 -0.28
CA PRO A 44 -13.32 1.04 -1.36
C PRO A 44 -12.80 1.49 -2.73
N ASP A 45 -11.89 2.46 -2.69
CA ASP A 45 -11.36 3.12 -3.88
C ASP A 45 -12.49 3.69 -4.74
N PRO A 46 -12.88 4.94 -4.45
CA PRO A 46 -13.97 5.60 -5.17
C PRO A 46 -13.52 6.20 -6.50
N LEU A 47 -12.22 6.12 -6.77
CA LEU A 47 -11.66 6.77 -7.96
C LEU A 47 -10.76 5.80 -8.73
N ALA A 48 -9.60 5.50 -8.14
CA ALA A 48 -8.55 4.68 -8.75
C ALA A 48 -7.29 4.81 -7.92
N THR A 49 -7.10 6.01 -7.40
CA THR A 49 -6.01 6.32 -6.48
C THR A 49 -6.41 7.54 -5.68
N GLU A 50 -6.43 8.67 -6.37
CA GLU A 50 -6.85 9.95 -5.79
C GLU A 50 -6.56 11.05 -6.79
N GLU A 51 -5.28 11.20 -7.10
CA GLU A 51 -4.82 12.24 -7.99
C GLU A 51 -4.69 11.78 -9.43
N VAL A 52 -3.78 10.84 -9.66
CA VAL A 52 -3.45 10.37 -11.01
C VAL A 52 -2.95 11.53 -11.86
N PRO A 53 -1.73 12.01 -11.59
CA PRO A 53 -1.15 13.14 -12.32
C PRO A 53 -0.66 12.75 -13.72
N ASN A 54 0.26 11.80 -13.75
CA ASN A 54 0.87 11.37 -15.01
C ASN A 54 0.30 10.04 -15.47
N GLN A 55 -0.90 9.73 -14.97
CA GLN A 55 -1.63 8.50 -15.33
C GLN A 55 -0.83 7.25 -14.99
N GLU A 56 -0.09 6.71 -15.95
CA GLU A 56 0.71 5.52 -15.72
C GLU A 56 2.20 5.87 -15.70
N GLN A 57 2.57 6.62 -14.66
CA GLN A 57 3.96 6.97 -14.39
C GLN A 57 4.71 7.42 -15.65
N ILE A 58 4.43 8.65 -16.07
CA ILE A 58 5.10 9.22 -17.24
C ILE A 58 6.14 10.25 -16.81
N PRO A 59 7.42 9.84 -16.75
CA PRO A 59 8.51 10.75 -16.42
C PRO A 59 9.06 11.47 -17.64
N GLU A 60 8.69 10.99 -18.82
CA GLU A 60 9.19 11.54 -20.07
C GLU A 60 8.29 12.68 -20.55
N GLU A 61 8.22 13.72 -19.73
CA GLU A 61 7.56 14.96 -20.14
C GLU A 61 8.43 15.63 -21.20
N GLY A 62 9.66 15.95 -20.82
CA GLY A 62 10.61 16.50 -21.75
C GLY A 62 11.88 16.96 -21.07
N PHE A 63 12.17 16.39 -19.91
CA PHE A 63 13.33 16.78 -19.13
C PHE A 63 14.30 15.61 -19.02
N ILE A 64 14.69 15.06 -20.16
CA ILE A 64 15.63 13.97 -20.18
C ILE A 64 17.05 14.51 -20.05
N HIS A 65 17.58 14.49 -18.83
CA HIS A 65 18.91 15.00 -18.57
C HIS A 65 19.96 13.95 -18.84
N THR A 66 19.94 12.92 -18.00
CA THR A 66 20.82 11.75 -18.13
C THR A 66 22.30 12.14 -18.21
N GLN A 67 22.64 13.28 -17.61
CA GLN A 67 24.03 13.70 -17.56
C GLN A 67 24.78 12.87 -16.52
N TYR A 68 24.02 12.26 -15.62
CA TYR A 68 24.58 11.35 -14.64
C TYR A 68 24.63 9.94 -15.22
N GLY A 69 23.82 9.72 -16.24
CA GLY A 69 23.72 8.41 -16.86
C GLY A 69 22.82 7.48 -16.08
N GLN A 70 23.31 6.27 -15.85
CA GLN A 70 22.59 5.24 -15.10
C GLN A 70 21.23 4.94 -15.74
N LYS A 71 21.29 4.27 -16.89
CA LYS A 71 20.09 3.76 -17.53
C LYS A 71 20.24 2.28 -18.00
N PRO A 72 21.47 1.77 -18.29
CA PRO A 72 21.67 0.34 -18.58
C PRO A 72 22.15 -0.45 -17.37
N GLU A 73 22.15 0.20 -16.21
CA GLU A 73 22.62 -0.39 -14.95
C GLU A 73 24.06 -0.90 -15.05
N GLN A 74 24.19 -2.19 -15.33
CA GLN A 74 25.46 -2.90 -15.29
C GLN A 74 26.14 -2.73 -13.92
N PRO A 75 25.67 -3.49 -12.90
CA PRO A 75 26.27 -3.46 -11.56
C PRO A 75 27.51 -4.36 -11.46
N SER A 76 27.82 -5.05 -12.54
CA SER A 76 28.96 -5.95 -12.57
C SER A 76 30.17 -5.28 -13.21
N GLY A 77 31.00 -4.68 -12.38
CA GLY A 77 32.20 -4.03 -12.87
C GLY A 77 31.90 -2.85 -13.77
N ALA A 78 32.60 -2.80 -14.91
CA ALA A 78 32.41 -1.72 -15.88
C ALA A 78 32.91 -2.18 -17.25
N SER A 79 32.12 -1.88 -18.29
CA SER A 79 32.44 -2.28 -19.66
C SER A 79 32.24 -3.79 -19.84
N ALA A 80 32.01 -4.22 -21.08
CA ALA A 80 31.70 -5.62 -21.33
C ALA A 80 32.48 -6.18 -22.51
N GLY A 81 33.47 -5.43 -22.99
CA GLY A 81 34.24 -5.88 -24.12
C GLY A 81 35.73 -5.87 -23.86
N HIS A 82 36.35 -4.73 -24.13
CA HIS A 82 37.79 -4.58 -23.96
C HIS A 82 38.18 -4.85 -22.51
N ARG A 83 37.46 -4.20 -21.59
CA ARG A 83 37.69 -4.35 -20.15
C ARG A 83 39.01 -3.70 -19.74
N PHE A 84 39.34 -3.78 -18.45
CA PHE A 84 40.55 -3.12 -17.92
C PHE A 84 41.44 -4.10 -17.14
N PRO A 85 40.87 -4.93 -16.22
CA PRO A 85 41.65 -5.94 -15.45
C PRO A 85 42.35 -6.99 -16.32
N GLN A 86 42.34 -6.80 -17.62
CA GLN A 86 43.00 -7.72 -18.54
C GLN A 86 44.39 -7.21 -18.92
N GLY A 87 44.76 -6.08 -18.33
CA GLY A 87 46.07 -5.51 -18.59
C GLY A 87 46.33 -4.31 -17.71
N TYR A 88 45.33 -3.43 -17.63
CA TYR A 88 45.43 -2.20 -16.85
C TYR A 88 46.66 -1.38 -17.26
N HIS A 89 46.56 -0.74 -18.41
CA HIS A 89 47.64 0.12 -18.89
C HIS A 89 47.10 1.50 -19.24
N SER A 90 46.68 2.23 -18.23
CA SER A 90 46.16 3.57 -18.40
C SER A 90 47.30 4.57 -18.57
N ASP A 91 47.47 5.07 -19.79
CA ASP A 91 48.52 6.03 -20.08
C ASP A 91 48.04 7.45 -19.78
N LYS A 92 46.74 7.58 -19.53
CA LYS A 92 46.15 8.85 -19.13
C LYS A 92 46.34 9.06 -17.63
N ARG A 93 47.35 9.82 -17.26
CA ARG A 93 47.61 10.11 -15.85
C ARG A 93 47.55 11.61 -15.60
N ARG A 94 46.92 12.34 -16.52
CA ARG A 94 46.81 13.80 -16.41
C ARG A 94 45.69 14.19 -15.45
N LEU A 95 45.14 13.20 -14.75
CA LEU A 95 44.12 13.47 -13.75
C LEU A 95 44.76 13.73 -12.41
N SER A 96 44.59 14.94 -11.92
CA SER A 96 45.11 15.31 -10.61
C SER A 96 43.98 15.18 -9.60
N LYS A 97 44.02 16.00 -8.53
CA LYS A 97 43.00 16.01 -7.48
C LYS A 97 43.10 14.78 -6.57
N ALA A 98 43.37 13.63 -7.15
CA ALA A 98 43.48 12.40 -6.39
C ALA A 98 44.74 12.38 -5.53
N SER A 99 44.54 12.32 -4.22
CA SER A 99 45.66 12.21 -3.28
C SER A 99 46.18 10.76 -3.23
N SER A 100 46.58 10.26 -4.39
CA SER A 100 46.98 8.87 -4.54
C SER A 100 48.39 8.60 -4.01
N LYS A 101 48.80 9.35 -3.02
CA LYS A 101 50.11 9.14 -2.40
C LYS A 101 49.97 8.21 -1.20
N ALA A 102 48.74 8.12 -0.69
CA ALA A 102 48.45 7.23 0.43
C ALA A 102 47.41 6.20 0.01
N ARG A 103 47.50 5.77 -1.24
CA ARG A 103 46.55 4.80 -1.79
C ARG A 103 46.89 3.39 -1.36
N SER A 104 47.77 3.28 -0.38
CA SER A 104 48.10 2.00 0.22
C SER A 104 47.03 1.63 1.26
N ASP A 105 45.97 2.44 1.30
CA ASP A 105 44.83 2.26 2.20
C ASP A 105 45.20 2.56 3.64
N ASP A 106 45.97 1.65 4.24
CA ASP A 106 46.39 1.77 5.63
C ASP A 106 45.19 1.82 6.57
N LEU A 107 44.80 3.04 6.94
CA LEU A 107 43.66 3.25 7.82
C LEU A 107 43.22 4.71 7.72
N SER A 108 43.51 5.31 6.58
CA SER A 108 43.26 6.73 6.39
C SER A 108 42.13 6.96 5.37
N VAL A 109 41.26 5.98 5.23
CA VAL A 109 40.16 6.08 4.30
C VAL A 109 38.81 5.91 5.01
N GLY A 1 -46.96 -8.03 41.18
CA GLY A 1 -45.70 -8.70 40.84
C GLY A 1 -44.64 -8.50 41.89
N PRO A 2 -43.56 -9.31 41.88
CA PRO A 2 -42.48 -9.19 42.86
C PRO A 2 -41.64 -7.93 42.67
N LEU A 3 -41.17 -7.72 41.44
CA LEU A 3 -40.39 -6.52 41.14
C LEU A 3 -41.18 -5.62 40.21
N GLY A 4 -41.26 -6.01 38.94
CA GLY A 4 -42.03 -5.25 37.99
C GLY A 4 -42.84 -6.15 37.08
N SER A 5 -42.13 -6.90 36.23
CA SER A 5 -42.75 -7.80 35.27
C SER A 5 -43.60 -7.02 34.26
N THR A 6 -43.33 -5.73 34.13
CA THR A 6 -44.06 -4.87 33.21
C THR A 6 -43.82 -5.29 31.76
N SER A 7 -42.60 -5.72 31.47
CA SER A 7 -42.23 -6.20 30.15
C SER A 7 -42.91 -7.53 29.85
N LEU A 8 -44.04 -7.47 29.16
CA LEU A 8 -44.79 -8.67 28.84
C LEU A 8 -44.42 -9.21 27.47
N VAL A 9 -43.44 -10.08 27.45
CA VAL A 9 -43.06 -10.76 26.22
C VAL A 9 -43.34 -12.26 26.37
N GLN A 10 -44.51 -12.66 25.90
CA GLN A 10 -45.02 -14.02 26.10
C GLN A 10 -44.14 -15.06 25.45
N GLY A 11 -43.56 -14.72 24.31
CA GLY A 11 -42.74 -15.68 23.58
C GLY A 11 -41.29 -15.62 23.97
N LEU A 12 -40.97 -14.81 24.99
CA LEU A 12 -39.59 -14.59 25.40
C LEU A 12 -38.78 -14.03 24.24
N THR A 13 -37.51 -14.38 24.19
CA THR A 13 -36.61 -13.88 23.15
C THR A 13 -35.98 -15.02 22.33
N PRO A 14 -35.53 -16.14 22.96
CA PRO A 14 -34.96 -17.28 22.22
C PRO A 14 -35.87 -17.82 21.10
N PRO A 15 -37.16 -18.18 21.37
CA PRO A 15 -38.05 -18.71 20.34
C PRO A 15 -38.28 -17.77 19.14
N PRO A 16 -38.69 -16.48 19.35
CA PRO A 16 -38.86 -15.54 18.25
C PRO A 16 -37.53 -15.00 17.74
N ASP A 17 -37.11 -15.49 16.59
CA ASP A 17 -35.83 -15.10 16.01
C ASP A 17 -35.88 -13.66 15.50
N PHE A 18 -35.27 -12.74 16.25
CA PHE A 18 -35.18 -11.35 15.83
C PHE A 18 -33.99 -11.19 14.88
N ASN A 19 -32.80 -11.51 15.38
CA ASN A 19 -31.56 -11.53 14.59
C ASN A 19 -31.07 -10.13 14.20
N GLN A 20 -31.93 -9.36 13.56
CA GLN A 20 -31.58 -8.03 13.06
C GLN A 20 -31.12 -7.08 14.16
N CYS A 21 -31.66 -7.28 15.36
CA CYS A 21 -31.38 -6.41 16.51
C CYS A 21 -31.89 -5.00 16.27
N LEU A 22 -31.52 -4.06 17.14
CA LEU A 22 -31.98 -2.69 17.04
C LEU A 22 -31.02 -1.87 16.20
N LYS A 23 -31.28 -1.84 14.90
CA LYS A 23 -30.45 -1.08 13.97
C LYS A 23 -31.17 0.18 13.49
N ASN A 24 -32.37 0.40 14.01
CA ASN A 24 -33.16 1.60 13.71
C ASN A 24 -33.78 1.57 12.30
N SER A 25 -32.95 1.25 11.31
CA SER A 25 -33.32 1.35 9.89
C SER A 25 -33.54 2.81 9.53
N PRO A 26 -32.45 3.58 9.39
CA PRO A 26 -32.53 5.00 9.11
C PRO A 26 -32.60 5.33 7.62
N ASP A 27 -31.57 4.96 6.88
CA ASP A 27 -31.43 5.36 5.50
C ASP A 27 -31.17 4.14 4.62
N GLU A 28 -32.05 3.16 4.75
CA GLU A 28 -31.84 1.85 4.15
C GLU A 28 -32.65 1.71 2.87
N LYS A 29 -32.64 2.76 2.08
CA LYS A 29 -33.27 2.72 0.78
C LYS A 29 -32.29 2.17 -0.27
N PHE A 30 -31.05 1.93 0.21
CA PHE A 30 -30.04 1.15 -0.51
C PHE A 30 -29.88 1.59 -1.98
N PHE A 31 -29.04 2.62 -2.21
CA PHE A 31 -28.75 3.11 -3.56
C PHE A 31 -29.86 3.98 -4.04
N SER A 32 -31.07 3.43 -4.03
CA SER A 32 -32.30 4.17 -4.28
C SER A 32 -32.35 4.73 -5.68
N ASP A 33 -31.54 5.74 -5.89
CA ASP A 33 -31.52 6.52 -7.09
C ASP A 33 -30.36 7.52 -7.01
N PHE A 34 -29.98 7.84 -5.77
CA PHE A 34 -28.87 8.76 -5.50
C PHE A 34 -27.59 8.26 -6.17
N SER A 35 -27.46 6.95 -6.20
CA SER A 35 -26.38 6.31 -6.94
C SER A 35 -26.84 4.94 -7.41
N ASN A 36 -27.85 4.93 -8.27
CA ASN A 36 -28.33 3.69 -8.85
C ASN A 36 -27.33 3.15 -9.88
N ASN A 37 -26.30 2.49 -9.38
CA ASN A 37 -25.28 1.90 -10.22
C ASN A 37 -25.42 0.38 -10.21
N MET A 38 -26.24 -0.11 -9.28
CA MET A 38 -26.53 -1.54 -9.14
C MET A 38 -25.30 -2.33 -8.68
N GLY A 39 -24.25 -1.61 -8.28
CA GLY A 39 -23.06 -2.25 -7.78
C GLY A 39 -22.21 -2.84 -8.90
N SER A 40 -22.04 -2.08 -9.97
CA SER A 40 -21.23 -2.52 -11.10
C SER A 40 -19.86 -1.85 -11.07
N ARG A 41 -19.47 -1.42 -9.88
CA ARG A 41 -18.19 -0.78 -9.64
C ARG A 41 -17.03 -1.54 -10.28
N LYS A 42 -16.18 -0.82 -10.98
CA LYS A 42 -15.05 -1.42 -11.65
C LYS A 42 -13.84 -1.43 -10.75
N ASN A 43 -13.79 -2.42 -9.85
CA ASN A 43 -12.73 -2.54 -8.83
C ASN A 43 -12.51 -1.20 -8.13
N PRO A 44 -13.35 -0.88 -7.15
CA PRO A 44 -13.29 0.41 -6.47
C PRO A 44 -12.28 0.42 -5.33
N ASP A 45 -11.79 -0.75 -4.97
CA ASP A 45 -10.85 -0.91 -3.88
C ASP A 45 -10.13 -2.25 -3.98
N PRO A 46 -8.90 -2.34 -3.44
CA PRO A 46 -8.10 -3.56 -3.50
C PRO A 46 -8.66 -4.69 -2.63
N LEU A 47 -9.63 -4.35 -1.79
CA LEU A 47 -10.23 -5.34 -0.89
C LEU A 47 -11.27 -6.15 -1.65
N ALA A 48 -11.79 -5.56 -2.72
CA ALA A 48 -12.70 -6.27 -3.62
C ALA A 48 -11.92 -7.31 -4.43
N THR A 49 -10.60 -7.19 -4.43
CA THR A 49 -9.75 -8.15 -5.11
C THR A 49 -9.44 -9.29 -4.15
N GLU A 50 -8.98 -8.92 -2.95
CA GLU A 50 -8.73 -9.86 -1.84
C GLU A 50 -7.55 -10.80 -2.12
N GLU A 51 -7.18 -10.95 -3.39
CA GLU A 51 -5.97 -11.69 -3.75
C GLU A 51 -4.76 -11.03 -3.14
N VAL A 52 -4.54 -9.77 -3.53
CA VAL A 52 -3.38 -8.97 -3.13
C VAL A 52 -2.12 -9.84 -3.00
N PRO A 53 -1.50 -10.16 -4.15
CA PRO A 53 -0.33 -11.06 -4.21
C PRO A 53 0.90 -10.48 -3.51
N ASN A 54 0.83 -9.21 -3.17
CA ASN A 54 1.92 -8.54 -2.49
C ASN A 54 1.53 -8.22 -1.06
N GLN A 55 2.42 -8.54 -0.14
CA GLN A 55 2.15 -8.40 1.29
C GLN A 55 2.98 -7.25 1.85
N GLU A 56 3.65 -6.55 0.95
CA GLU A 56 4.51 -5.43 1.30
C GLU A 56 3.70 -4.14 1.19
N GLN A 57 2.37 -4.29 1.25
CA GLN A 57 1.41 -3.22 0.99
C GLN A 57 1.46 -2.80 -0.48
N ILE A 58 2.57 -2.20 -0.88
CA ILE A 58 2.74 -1.71 -2.25
C ILE A 58 1.63 -0.70 -2.61
N PRO A 59 1.80 0.56 -2.17
CA PRO A 59 0.83 1.61 -2.41
C PRO A 59 1.05 2.37 -3.71
N GLU A 60 2.15 2.10 -4.39
CA GLU A 60 2.42 2.81 -5.64
C GLU A 60 2.85 1.87 -6.75
N GLU A 61 1.95 1.64 -7.67
CA GLU A 61 2.28 0.97 -8.91
C GLU A 61 2.83 1.99 -9.90
N GLY A 62 4.10 1.86 -10.25
CA GLY A 62 4.67 2.72 -11.25
C GLY A 62 5.34 1.88 -12.31
N PHE A 63 5.93 0.77 -11.86
CA PHE A 63 6.61 -0.16 -12.75
C PHE A 63 7.67 0.60 -13.51
N ILE A 64 8.30 1.50 -12.80
CA ILE A 64 9.24 2.43 -13.39
C ILE A 64 10.43 1.70 -14.01
N HIS A 65 10.44 1.65 -15.33
CA HIS A 65 11.49 0.95 -16.06
C HIS A 65 12.69 1.87 -16.24
N THR A 66 12.92 2.72 -15.26
CA THR A 66 13.99 3.70 -15.31
C THR A 66 15.14 3.22 -14.45
N GLN A 67 15.18 1.90 -14.24
CA GLN A 67 16.15 1.26 -13.37
C GLN A 67 15.91 1.70 -11.92
N TYR A 68 14.75 2.30 -11.69
CA TYR A 68 14.35 2.76 -10.36
C TYR A 68 15.19 3.98 -9.99
N GLY A 69 15.79 4.56 -11.02
CA GLY A 69 16.68 5.69 -10.83
C GLY A 69 18.06 5.41 -11.39
N GLN A 70 18.14 5.31 -12.71
CA GLN A 70 19.39 4.98 -13.38
C GLN A 70 20.39 6.12 -13.31
N LYS A 71 19.89 7.35 -13.20
CA LYS A 71 20.76 8.50 -13.15
C LYS A 71 21.29 8.71 -11.72
N PRO A 72 22.60 8.59 -11.53
CA PRO A 72 23.24 8.74 -10.24
C PRO A 72 23.48 10.20 -9.89
N GLU A 73 22.82 10.67 -8.84
CA GLU A 73 23.00 12.05 -8.37
C GLU A 73 24.32 12.18 -7.64
N GLN A 74 25.34 12.65 -8.33
CA GLN A 74 26.64 12.85 -7.71
C GLN A 74 27.11 14.29 -7.86
N PRO A 75 26.41 15.27 -7.24
CA PRO A 75 26.80 16.67 -7.28
C PRO A 75 27.99 16.93 -6.38
N SER A 76 28.10 16.09 -5.35
CA SER A 76 29.17 16.21 -4.35
C SER A 76 28.98 17.42 -3.45
N GLY A 77 28.97 17.18 -2.15
CA GLY A 77 28.77 18.27 -1.20
C GLY A 77 29.45 18.01 0.13
N ALA A 78 28.71 17.45 1.08
CA ALA A 78 29.25 17.16 2.40
C ALA A 78 30.15 15.92 2.38
N SER A 79 31.44 16.16 2.27
CA SER A 79 32.42 15.10 2.32
C SER A 79 33.46 15.38 3.41
N ALA A 80 33.51 16.65 3.83
CA ALA A 80 34.34 17.08 4.96
C ALA A 80 35.81 17.04 4.58
N GLY A 81 36.27 18.12 3.97
CA GLY A 81 37.61 18.12 3.39
C GLY A 81 37.64 17.40 2.06
N HIS A 82 36.48 16.86 1.69
CA HIS A 82 36.33 16.10 0.45
C HIS A 82 37.27 14.91 0.44
N ARG A 83 37.37 14.26 1.58
CA ARG A 83 38.23 13.09 1.75
C ARG A 83 37.75 11.92 0.89
N PHE A 84 38.60 10.90 0.75
CA PHE A 84 38.29 9.80 -0.18
C PHE A 84 38.24 8.43 0.51
N PRO A 85 37.65 8.28 1.72
CA PRO A 85 37.63 7.00 2.42
C PRO A 85 36.44 6.13 2.00
N GLN A 86 35.45 6.76 1.42
CA GLN A 86 34.28 6.04 0.93
C GLN A 86 34.42 5.72 -0.56
N GLY A 87 35.56 6.13 -1.13
CA GLY A 87 35.75 5.97 -2.55
C GLY A 87 34.77 6.83 -3.31
N TYR A 88 35.09 8.12 -3.41
CA TYR A 88 34.18 9.12 -3.96
C TYR A 88 33.57 8.67 -5.29
N HIS A 89 32.25 8.78 -5.37
CA HIS A 89 31.49 8.36 -6.56
C HIS A 89 31.40 9.51 -7.55
N SER A 90 32.24 10.51 -7.37
CA SER A 90 32.17 11.73 -8.15
C SER A 90 32.89 11.60 -9.49
N ASP A 91 34.05 10.93 -9.48
CA ASP A 91 34.93 10.83 -10.66
C ASP A 91 35.49 12.20 -11.05
N LYS A 92 34.63 13.03 -11.66
CA LYS A 92 34.97 14.40 -12.07
C LYS A 92 35.97 14.38 -13.23
N ARG A 93 37.22 14.10 -12.90
CA ARG A 93 38.28 14.05 -13.91
C ARG A 93 39.06 12.76 -13.77
N ARG A 94 38.34 11.64 -13.82
CA ARG A 94 38.90 10.31 -13.71
C ARG A 94 39.37 10.02 -12.29
N LEU A 95 39.47 8.74 -11.98
CA LEU A 95 39.75 8.30 -10.62
C LEU A 95 41.25 8.31 -10.31
N SER A 96 41.97 9.15 -11.05
CA SER A 96 43.43 9.31 -10.90
C SER A 96 44.19 8.07 -11.42
N LYS A 97 43.72 6.88 -11.05
CA LYS A 97 44.32 5.64 -11.49
C LYS A 97 43.79 5.24 -12.86
N ALA A 98 42.82 6.02 -13.35
CA ALA A 98 42.14 5.76 -14.62
C ALA A 98 41.34 4.46 -14.53
N SER A 99 41.98 3.35 -14.84
CA SER A 99 41.36 2.05 -14.75
C SER A 99 42.41 0.96 -14.80
N SER A 100 42.54 0.21 -13.72
CA SER A 100 43.45 -0.92 -13.67
C SER A 100 42.73 -2.18 -14.15
N LYS A 101 41.51 -1.99 -14.64
CA LYS A 101 40.65 -3.10 -15.03
C LYS A 101 40.44 -3.12 -16.54
N ALA A 102 40.04 -1.97 -17.09
CA ALA A 102 39.70 -1.84 -18.51
C ALA A 102 38.45 -2.63 -18.86
N ARG A 103 38.57 -3.95 -18.88
CA ARG A 103 37.43 -4.85 -19.07
C ARG A 103 37.60 -6.11 -18.24
N SER A 104 38.67 -6.84 -18.54
CA SER A 104 38.89 -8.18 -18.00
C SER A 104 37.72 -9.07 -18.42
N ASP A 105 37.24 -8.80 -19.64
CA ASP A 105 36.03 -9.40 -20.16
C ASP A 105 36.13 -10.92 -20.22
N ASP A 106 37.19 -11.42 -20.86
CA ASP A 106 37.42 -12.85 -20.96
C ASP A 106 37.79 -13.41 -19.59
N LEU A 107 39.02 -13.13 -19.21
CA LEU A 107 39.56 -13.54 -17.93
C LEU A 107 40.53 -12.48 -17.45
N SER A 108 41.55 -12.24 -18.24
CA SER A 108 42.50 -11.18 -17.99
C SER A 108 42.51 -10.22 -19.17
N VAL A 109 43.41 -9.25 -19.15
CA VAL A 109 43.54 -8.30 -20.24
C VAL A 109 45.01 -7.90 -20.40
N GLY A 1 -34.32 -2.44 12.90
CA GLY A 1 -33.05 -3.10 12.45
C GLY A 1 -33.32 -4.25 11.52
N PRO A 2 -32.39 -4.56 10.60
CA PRO A 2 -32.60 -5.59 9.58
C PRO A 2 -32.29 -7.02 10.07
N LEU A 3 -32.17 -7.17 11.38
CA LEU A 3 -31.85 -8.47 11.97
C LEU A 3 -32.25 -8.49 13.43
N GLY A 4 -31.72 -7.53 14.17
CA GLY A 4 -32.02 -7.46 15.59
C GLY A 4 -30.93 -6.71 16.32
N SER A 5 -29.70 -6.94 15.89
CA SER A 5 -28.51 -6.28 16.45
C SER A 5 -28.23 -6.77 17.86
N THR A 6 -28.97 -6.27 18.84
CA THR A 6 -28.79 -6.66 20.22
C THR A 6 -29.91 -7.61 20.65
N SER A 7 -29.52 -8.70 21.28
CA SER A 7 -30.48 -9.71 21.73
C SER A 7 -31.24 -9.22 22.98
N LEU A 8 -32.34 -8.52 22.75
CA LEU A 8 -33.16 -8.02 23.84
C LEU A 8 -34.31 -8.98 24.12
N VAL A 9 -35.17 -9.15 23.12
CA VAL A 9 -36.36 -9.99 23.24
C VAL A 9 -37.30 -9.46 24.32
N GLN A 10 -38.28 -8.66 23.91
CA GLN A 10 -39.17 -8.01 24.85
C GLN A 10 -40.31 -8.94 25.26
N GLY A 11 -39.96 -10.11 25.76
CA GLY A 11 -40.95 -11.05 26.23
C GLY A 11 -41.17 -10.88 27.71
N LEU A 12 -41.96 -9.88 28.06
CA LEU A 12 -42.12 -9.50 29.46
C LEU A 12 -43.43 -8.75 29.66
N THR A 13 -43.76 -7.88 28.71
CA THR A 13 -44.96 -7.06 28.79
C THR A 13 -46.23 -7.91 28.84
N PRO A 14 -46.89 -7.94 30.01
CA PRO A 14 -48.12 -8.72 30.23
C PRO A 14 -49.35 -8.25 29.42
N PRO A 15 -49.69 -6.93 29.36
CA PRO A 15 -50.90 -6.44 28.64
C PRO A 15 -51.11 -7.04 27.24
N PRO A 16 -50.09 -7.05 26.35
CA PRO A 16 -50.23 -7.63 25.02
C PRO A 16 -50.37 -9.15 25.08
N ASP A 17 -51.41 -9.67 24.44
CA ASP A 17 -51.65 -11.11 24.41
C ASP A 17 -50.77 -11.79 23.37
N PHE A 18 -49.61 -12.25 23.81
CA PHE A 18 -48.66 -12.95 22.95
C PHE A 18 -49.01 -14.42 22.88
N ASN A 19 -50.27 -14.71 22.60
CA ASN A 19 -50.76 -16.09 22.52
C ASN A 19 -49.98 -16.88 21.46
N GLN A 20 -49.53 -16.20 20.41
CA GLN A 20 -48.69 -16.82 19.39
C GLN A 20 -47.31 -16.18 19.33
N CYS A 21 -46.95 -15.50 20.42
CA CYS A 21 -45.61 -14.91 20.60
C CYS A 21 -45.23 -13.91 19.51
N LEU A 22 -44.44 -14.36 18.54
CA LEU A 22 -43.80 -13.48 17.54
C LEU A 22 -44.77 -13.03 16.45
N LYS A 23 -46.05 -13.24 16.69
CA LYS A 23 -47.10 -12.84 15.76
C LYS A 23 -47.33 -11.33 15.75
N ASN A 24 -46.26 -10.54 15.78
CA ASN A 24 -46.37 -9.08 15.82
C ASN A 24 -47.09 -8.55 14.58
N SER A 25 -48.40 -8.69 14.60
CA SER A 25 -49.27 -8.24 13.54
C SER A 25 -50.37 -7.28 14.04
N PRO A 26 -50.14 -6.47 15.12
CA PRO A 26 -51.16 -5.55 15.60
C PRO A 26 -51.13 -4.24 14.81
N ASP A 27 -50.06 -4.08 14.07
CA ASP A 27 -49.84 -2.91 13.22
C ASP A 27 -49.85 -3.33 11.76
N GLU A 28 -49.35 -4.54 11.52
CA GLU A 28 -49.16 -5.06 10.18
C GLU A 28 -48.31 -4.14 9.33
N LYS A 29 -47.04 -4.08 9.67
CA LYS A 29 -46.08 -3.33 8.89
C LYS A 29 -45.66 -4.16 7.68
N PHE A 30 -45.78 -5.48 7.81
CA PHE A 30 -45.45 -6.44 6.74
C PHE A 30 -43.94 -6.50 6.47
N PHE A 31 -43.27 -5.37 6.67
CA PHE A 31 -41.83 -5.28 6.52
C PHE A 31 -41.18 -5.75 7.80
N SER A 32 -42.02 -5.89 8.82
CA SER A 32 -41.64 -6.44 10.11
C SER A 32 -40.42 -5.72 10.70
N ASP A 33 -40.28 -4.44 10.35
CA ASP A 33 -39.19 -3.60 10.84
C ASP A 33 -37.83 -4.11 10.38
N PHE A 34 -37.83 -4.95 9.34
CA PHE A 34 -36.60 -5.39 8.70
C PHE A 34 -35.92 -4.20 8.04
N SER A 35 -36.64 -3.10 7.98
CA SER A 35 -36.11 -1.82 7.51
C SER A 35 -36.76 -0.68 8.27
N ASN A 36 -38.02 -0.88 8.65
CA ASN A 36 -38.82 0.11 9.38
C ASN A 36 -39.19 1.29 8.48
N ASN A 37 -38.18 1.93 7.90
CA ASN A 37 -38.41 3.03 6.98
C ASN A 37 -38.88 2.51 5.61
N MET A 38 -40.10 1.98 5.60
CA MET A 38 -40.76 1.49 4.37
C MET A 38 -40.08 0.24 3.78
N GLY A 39 -38.77 0.22 3.81
CA GLY A 39 -38.06 -0.87 3.17
C GLY A 39 -37.39 -0.41 1.89
N SER A 40 -37.45 0.89 1.65
CA SER A 40 -36.88 1.47 0.46
C SER A 40 -35.37 1.64 0.62
N ARG A 41 -34.99 2.19 1.76
CA ARG A 41 -33.58 2.35 2.18
C ARG A 41 -32.84 3.40 1.34
N LYS A 42 -33.43 3.80 0.21
CA LYS A 42 -32.85 4.80 -0.69
C LYS A 42 -31.52 4.34 -1.28
N ASN A 43 -31.25 3.03 -1.18
CA ASN A 43 -30.01 2.43 -1.66
C ASN A 43 -28.78 3.11 -1.05
N PRO A 44 -28.38 2.69 0.16
CA PRO A 44 -27.24 3.26 0.87
C PRO A 44 -25.94 2.52 0.59
N ASP A 45 -25.86 1.93 -0.61
CA ASP A 45 -24.74 1.06 -0.99
C ASP A 45 -24.75 -0.23 -0.17
N PRO A 46 -23.99 -1.25 -0.61
CA PRO A 46 -23.91 -2.54 0.10
C PRO A 46 -23.46 -2.38 1.56
N LEU A 47 -22.46 -1.55 1.79
CA LEU A 47 -21.91 -1.40 3.12
C LEU A 47 -21.65 0.06 3.49
N ALA A 48 -21.16 0.85 2.54
CA ALA A 48 -20.88 2.26 2.81
C ALA A 48 -21.04 3.11 1.57
N THR A 49 -20.05 3.06 0.69
CA THR A 49 -20.08 3.77 -0.58
C THR A 49 -19.06 3.13 -1.49
N GLU A 50 -19.52 2.32 -2.42
CA GLU A 50 -18.63 1.52 -3.24
C GLU A 50 -17.98 2.36 -4.33
N GLU A 51 -17.09 3.24 -3.87
CA GLU A 51 -16.27 4.11 -4.70
C GLU A 51 -15.41 4.92 -3.76
N VAL A 52 -16.00 5.19 -2.59
CA VAL A 52 -15.42 6.00 -1.52
C VAL A 52 -14.62 7.19 -2.10
N PRO A 53 -15.33 8.28 -2.42
CA PRO A 53 -14.75 9.46 -3.07
C PRO A 53 -13.78 10.20 -2.16
N ASN A 54 -12.63 9.59 -1.94
CA ASN A 54 -11.59 10.19 -1.12
C ASN A 54 -10.86 11.28 -1.88
N GLN A 55 -11.14 11.35 -3.17
CA GLN A 55 -10.53 12.33 -4.07
C GLN A 55 -9.01 12.13 -4.19
N GLU A 56 -8.55 10.93 -3.81
CA GLU A 56 -7.14 10.58 -3.91
C GLU A 56 -6.83 10.02 -5.29
N GLN A 57 -5.76 9.24 -5.39
CA GLN A 57 -5.37 8.63 -6.66
C GLN A 57 -6.22 7.39 -6.95
N ILE A 58 -7.52 7.59 -6.95
CA ILE A 58 -8.48 6.53 -7.23
C ILE A 58 -8.56 6.17 -8.73
N PRO A 59 -8.30 7.10 -9.70
CA PRO A 59 -8.26 6.74 -11.11
C PRO A 59 -7.07 5.85 -11.46
N GLU A 60 -7.14 4.60 -11.06
CA GLU A 60 -6.12 3.61 -11.38
C GLU A 60 -6.57 2.76 -12.56
N GLU A 61 -7.88 2.85 -12.85
CA GLU A 61 -8.52 2.15 -13.98
C GLU A 61 -8.64 0.64 -13.73
N GLY A 62 -7.62 0.03 -13.15
CA GLY A 62 -7.74 -1.36 -12.72
C GLY A 62 -6.64 -2.26 -13.24
N PHE A 63 -6.28 -2.10 -14.51
CA PHE A 63 -5.32 -2.99 -15.16
C PHE A 63 -3.87 -2.62 -14.86
N ILE A 64 -3.53 -2.57 -13.58
CA ILE A 64 -2.17 -2.27 -13.17
C ILE A 64 -1.33 -3.54 -13.21
N HIS A 65 -0.84 -3.90 -14.39
CA HIS A 65 -0.03 -5.10 -14.54
C HIS A 65 1.44 -4.76 -14.65
N THR A 66 1.72 -3.51 -15.03
CA THR A 66 3.09 -2.97 -15.10
C THR A 66 4.07 -3.86 -15.89
N GLN A 67 3.53 -4.70 -16.77
CA GLN A 67 4.36 -5.62 -17.56
C GLN A 67 5.05 -4.86 -18.69
N TYR A 68 4.67 -3.60 -18.85
CA TYR A 68 5.26 -2.74 -19.87
C TYR A 68 6.48 -2.02 -19.30
N GLY A 69 6.56 -2.01 -17.97
CA GLY A 69 7.64 -1.30 -17.31
C GLY A 69 8.70 -2.24 -16.75
N GLN A 70 9.42 -2.89 -17.63
CA GLN A 70 10.49 -3.80 -17.22
C GLN A 70 11.82 -3.06 -17.15
N LYS A 71 12.41 -3.04 -15.96
CA LYS A 71 13.73 -2.45 -15.76
C LYS A 71 14.66 -3.42 -15.04
N PRO A 72 15.30 -4.32 -15.78
CA PRO A 72 16.23 -5.32 -15.23
C PRO A 72 17.60 -4.69 -14.96
N GLU A 73 17.59 -3.53 -14.31
CA GLU A 73 18.82 -2.80 -14.05
C GLU A 73 19.49 -3.27 -12.77
N GLN A 74 20.74 -3.66 -12.91
CA GLN A 74 21.58 -3.97 -11.77
C GLN A 74 22.74 -3.00 -11.75
N PRO A 75 23.02 -2.40 -10.58
CA PRO A 75 24.06 -1.39 -10.42
C PRO A 75 25.37 -1.75 -11.13
N SER A 76 25.71 -0.95 -12.13
CA SER A 76 26.92 -1.16 -12.89
C SER A 76 28.02 -0.20 -12.43
N GLY A 77 29.19 -0.74 -12.15
CA GLY A 77 30.28 0.08 -11.66
C GLY A 77 31.63 -0.49 -12.01
N ALA A 78 32.40 -0.84 -10.97
CA ALA A 78 33.75 -1.39 -11.13
C ALA A 78 34.69 -0.35 -11.72
N SER A 79 35.55 0.22 -10.86
CA SER A 79 36.50 1.27 -11.26
C SER A 79 35.79 2.60 -11.50
N ALA A 80 36.49 3.69 -11.25
CA ALA A 80 35.91 5.02 -11.34
C ALA A 80 36.52 5.78 -12.51
N GLY A 81 36.37 5.23 -13.70
CA GLY A 81 37.01 5.79 -14.87
C GLY A 81 38.50 5.54 -14.82
N HIS A 82 39.19 6.45 -14.16
CA HIS A 82 40.64 6.39 -13.95
C HIS A 82 41.08 7.70 -13.35
N ARG A 83 40.36 8.77 -13.72
CA ARG A 83 40.59 10.09 -13.17
C ARG A 83 42.01 10.59 -13.48
N PHE A 84 42.38 11.72 -12.90
CA PHE A 84 43.70 12.29 -13.13
C PHE A 84 44.35 12.76 -11.82
N PRO A 85 43.63 13.58 -11.00
CA PRO A 85 44.09 14.07 -9.67
C PRO A 85 44.96 13.12 -8.85
N GLN A 86 44.81 11.82 -9.03
CA GLN A 86 45.59 10.83 -8.28
C GLN A 86 47.06 10.78 -8.74
N GLY A 87 47.45 11.74 -9.56
CA GLY A 87 48.82 11.84 -10.03
C GLY A 87 49.01 13.00 -10.98
N TYR A 88 47.93 13.33 -11.70
CA TYR A 88 47.89 14.43 -12.68
C TYR A 88 48.75 14.12 -13.91
N HIS A 89 50.05 13.96 -13.68
CA HIS A 89 50.97 13.54 -14.72
C HIS A 89 51.85 12.42 -14.21
N SER A 90 51.26 11.61 -13.31
CA SER A 90 51.94 10.53 -12.60
C SER A 90 52.95 11.09 -11.60
N ASP A 91 54.05 11.63 -12.12
CA ASP A 91 55.08 12.28 -11.31
C ASP A 91 55.73 11.29 -10.34
N LYS A 92 55.13 11.11 -9.16
CA LYS A 92 55.59 10.16 -8.13
C LYS A 92 57.10 9.99 -8.07
N ARG A 93 57.77 10.98 -7.47
CA ARG A 93 59.22 10.96 -7.36
C ARG A 93 59.67 11.09 -5.92
N ARG A 94 60.24 10.02 -5.38
CA ARG A 94 60.90 10.08 -4.08
C ARG A 94 62.24 10.78 -4.24
N LEU A 95 63.11 10.16 -5.02
CA LEU A 95 64.43 10.70 -5.27
C LEU A 95 64.63 10.96 -6.75
N SER A 96 64.89 12.21 -7.07
CA SER A 96 65.17 12.60 -8.45
C SER A 96 66.68 12.77 -8.64
N LYS A 97 67.39 12.75 -7.51
CA LYS A 97 68.86 12.78 -7.54
C LYS A 97 69.41 11.40 -7.86
N ALA A 98 68.72 10.37 -7.35
CA ALA A 98 69.11 8.97 -7.55
C ALA A 98 70.47 8.67 -6.93
N SER A 99 70.45 8.09 -5.73
CA SER A 99 71.67 7.72 -5.05
C SER A 99 72.34 6.54 -5.75
N SER A 100 71.56 5.47 -5.94
CA SER A 100 72.02 4.27 -6.66
C SER A 100 73.32 3.73 -6.09
N LYS A 101 73.20 2.89 -5.07
CA LYS A 101 74.38 2.34 -4.41
C LYS A 101 74.99 1.21 -5.24
N ALA A 102 74.13 0.34 -5.74
CA ALA A 102 74.59 -0.79 -6.55
C ALA A 102 74.44 -0.50 -8.03
N ARG A 103 74.18 0.76 -8.36
CA ARG A 103 73.93 1.19 -9.73
C ARG A 103 72.69 0.49 -10.29
N SER A 104 72.42 0.73 -11.56
CA SER A 104 71.39 -0.02 -12.26
C SER A 104 72.06 -1.02 -13.20
N ASP A 105 73.36 -0.82 -13.40
CA ASP A 105 74.18 -1.66 -14.28
C ASP A 105 73.70 -1.60 -15.74
N ASP A 106 72.93 -0.56 -16.05
CA ASP A 106 72.54 -0.29 -17.43
C ASP A 106 73.65 0.49 -18.12
N LEU A 107 74.73 0.73 -17.35
CA LEU A 107 75.93 1.42 -17.84
C LEU A 107 75.68 2.91 -18.04
N SER A 108 74.51 3.36 -17.62
CA SER A 108 74.21 4.77 -17.60
C SER A 108 74.30 5.29 -16.17
N VAL A 109 73.59 4.63 -15.27
CA VAL A 109 73.67 4.92 -13.85
C VAL A 109 74.18 3.69 -13.12
N GLY A 1 -22.53 8.85 18.36
CA GLY A 1 -22.87 9.02 19.79
C GLY A 1 -24.33 8.72 20.06
N PRO A 2 -24.79 8.95 21.30
CA PRO A 2 -26.19 8.71 21.68
C PRO A 2 -27.15 9.70 21.00
N LEU A 3 -28.30 9.20 20.59
CA LEU A 3 -29.29 10.02 19.90
C LEU A 3 -30.59 10.07 20.70
N GLY A 4 -30.88 8.96 21.36
CA GLY A 4 -32.12 8.84 22.10
C GLY A 4 -32.66 7.43 22.01
N SER A 5 -32.88 6.80 23.15
CA SER A 5 -33.31 5.41 23.16
C SER A 5 -34.61 5.24 23.95
N THR A 6 -35.20 6.36 24.34
CA THR A 6 -36.38 6.32 25.21
C THR A 6 -37.67 6.55 24.40
N SER A 7 -37.53 6.78 23.11
CA SER A 7 -38.68 6.97 22.24
C SER A 7 -39.59 5.74 22.29
N LEU A 8 -39.00 4.57 22.06
CA LEU A 8 -39.68 3.28 22.22
C LEU A 8 -40.79 3.06 21.19
N VAL A 9 -41.88 3.78 21.36
CA VAL A 9 -43.09 3.58 20.57
C VAL A 9 -43.62 2.16 20.76
N GLN A 10 -44.24 1.95 21.92
CA GLN A 10 -44.76 0.64 22.33
C GLN A 10 -43.63 -0.37 22.55
N GLY A 11 -43.06 -0.87 21.48
CA GLY A 11 -42.01 -1.86 21.59
C GLY A 11 -42.49 -3.25 21.33
N LEU A 12 -41.63 -4.03 20.72
CA LEU A 12 -41.90 -5.41 20.38
C LEU A 12 -40.58 -6.13 20.34
N THR A 13 -40.59 -7.32 19.79
CA THR A 13 -39.38 -8.11 19.67
C THR A 13 -38.53 -7.68 18.45
N PRO A 14 -39.12 -7.56 17.24
CA PRO A 14 -38.39 -7.15 16.03
C PRO A 14 -37.49 -5.91 16.19
N PRO A 15 -38.00 -4.76 16.72
CA PRO A 15 -37.19 -3.53 16.81
C PRO A 15 -35.80 -3.73 17.46
N PRO A 16 -35.69 -4.23 18.71
CA PRO A 16 -34.40 -4.41 19.36
C PRO A 16 -33.68 -5.71 18.94
N ASP A 17 -34.44 -6.72 18.53
CA ASP A 17 -33.88 -8.04 18.25
C ASP A 17 -33.89 -8.31 16.75
N PHE A 18 -33.71 -7.25 15.97
CA PHE A 18 -33.78 -7.35 14.52
C PHE A 18 -32.49 -7.93 13.97
N ASN A 19 -32.45 -9.25 13.87
CA ASN A 19 -31.31 -9.96 13.34
C ASN A 19 -31.76 -11.30 12.78
N GLN A 20 -30.92 -11.87 11.89
CA GLN A 20 -31.12 -13.19 11.26
C GLN A 20 -32.41 -13.31 10.43
N CYS A 21 -33.55 -13.03 11.03
CA CYS A 21 -34.87 -13.08 10.37
C CYS A 21 -35.20 -14.50 9.88
N LEU A 22 -34.32 -15.46 10.18
CA LEU A 22 -34.53 -16.88 9.85
C LEU A 22 -34.62 -17.11 8.35
N LYS A 23 -34.26 -16.09 7.57
CA LYS A 23 -34.31 -16.15 6.13
C LYS A 23 -33.15 -16.95 5.57
N ASN A 24 -32.07 -17.04 6.35
CA ASN A 24 -30.79 -17.55 5.85
C ASN A 24 -30.28 -16.62 4.76
N SER A 25 -30.85 -16.81 3.57
CA SER A 25 -30.54 -16.04 2.36
C SER A 25 -31.27 -16.70 1.20
N PRO A 26 -32.48 -16.23 0.90
CA PRO A 26 -33.33 -16.82 -0.15
C PRO A 26 -32.66 -16.82 -1.52
N ASP A 27 -32.16 -15.67 -1.93
CA ASP A 27 -31.50 -15.54 -3.21
C ASP A 27 -30.43 -14.45 -3.13
N GLU A 28 -30.88 -13.18 -3.05
CA GLU A 28 -30.05 -12.01 -2.72
C GLU A 28 -28.57 -12.16 -3.08
N LYS A 29 -28.28 -12.17 -4.38
CA LYS A 29 -26.90 -12.23 -4.84
C LYS A 29 -26.55 -10.93 -5.55
N PHE A 30 -27.57 -10.06 -5.68
CA PHE A 30 -27.42 -8.69 -6.20
C PHE A 30 -27.20 -8.64 -7.71
N PHE A 31 -26.31 -9.48 -8.24
CA PHE A 31 -25.89 -9.40 -9.63
C PHE A 31 -26.71 -10.33 -10.48
N SER A 32 -27.77 -10.85 -9.88
CA SER A 32 -28.72 -11.75 -10.50
C SER A 32 -28.03 -12.90 -11.24
N ASP A 33 -27.81 -12.74 -12.52
CA ASP A 33 -27.26 -13.82 -13.32
C ASP A 33 -26.30 -13.29 -14.36
N PHE A 34 -25.61 -12.20 -14.00
CA PHE A 34 -24.59 -11.61 -14.87
C PHE A 34 -23.27 -12.38 -14.77
N SER A 35 -23.37 -13.71 -14.62
CA SER A 35 -22.20 -14.58 -14.53
C SER A 35 -21.33 -14.23 -13.32
N ASN A 36 -21.95 -13.67 -12.29
CA ASN A 36 -21.25 -13.27 -11.07
C ASN A 36 -20.85 -14.49 -10.24
N ASN A 37 -21.55 -15.60 -10.46
CA ASN A 37 -21.33 -16.86 -9.72
C ASN A 37 -21.75 -16.69 -8.26
N MET A 38 -21.03 -15.84 -7.54
CA MET A 38 -21.30 -15.61 -6.13
C MET A 38 -20.69 -14.28 -5.67
N GLY A 39 -19.99 -13.61 -6.60
CA GLY A 39 -19.37 -12.35 -6.28
C GLY A 39 -18.02 -12.53 -5.62
N SER A 40 -18.02 -13.21 -4.48
CA SER A 40 -16.81 -13.45 -3.67
C SER A 40 -16.32 -12.16 -3.05
N ARG A 41 -16.08 -12.22 -1.75
CA ARG A 41 -15.54 -11.08 -1.04
C ARG A 41 -14.02 -11.17 -0.97
N LYS A 42 -13.36 -10.66 -1.99
CA LYS A 42 -11.91 -10.66 -2.05
C LYS A 42 -11.33 -9.84 -0.90
N ASN A 43 -11.78 -8.59 -0.84
CA ASN A 43 -11.33 -7.61 0.15
C ASN A 43 -11.89 -6.24 -0.26
N PRO A 44 -13.02 -5.84 0.32
CA PRO A 44 -13.74 -4.64 -0.10
C PRO A 44 -13.30 -3.36 0.59
N ASP A 45 -12.46 -3.50 1.62
CA ASP A 45 -12.03 -2.37 2.45
C ASP A 45 -13.23 -1.50 2.86
N PRO A 46 -14.13 -2.05 3.70
CA PRO A 46 -15.39 -1.38 4.04
C PRO A 46 -15.21 -0.17 4.94
N LEU A 47 -14.28 -0.26 5.88
CA LEU A 47 -14.04 0.81 6.83
C LEU A 47 -12.75 1.55 6.51
N ALA A 48 -11.69 0.77 6.28
CA ALA A 48 -10.38 1.29 5.95
C ALA A 48 -9.41 0.12 5.79
N THR A 49 -9.03 -0.47 6.90
CA THR A 49 -8.29 -1.73 6.91
C THR A 49 -8.95 -2.71 7.86
N GLU A 50 -10.06 -2.26 8.45
CA GLU A 50 -10.82 -3.00 9.46
C GLU A 50 -10.00 -3.34 10.69
N GLU A 51 -8.81 -2.76 10.82
CA GLU A 51 -8.09 -2.76 12.08
C GLU A 51 -8.86 -1.86 13.03
N VAL A 52 -9.04 -0.63 12.57
CA VAL A 52 -9.83 0.38 13.27
C VAL A 52 -9.44 0.49 14.74
N PRO A 53 -8.26 1.06 15.03
CA PRO A 53 -7.88 1.38 16.39
C PRO A 53 -8.82 2.46 16.93
N ASN A 54 -8.91 3.54 16.13
CA ASN A 54 -9.84 4.67 16.37
C ASN A 54 -9.51 5.45 17.65
N GLN A 55 -8.82 4.81 18.55
CA GLN A 55 -8.48 5.38 19.84
C GLN A 55 -7.48 6.52 19.65
N GLU A 56 -6.69 6.42 18.60
CA GLU A 56 -5.71 7.42 18.25
C GLU A 56 -6.20 8.21 17.05
N GLN A 57 -7.53 8.30 16.95
CA GLN A 57 -8.23 8.99 15.87
C GLN A 57 -8.09 8.25 14.55
N ILE A 58 -6.89 8.33 13.99
CA ILE A 58 -6.60 7.79 12.67
C ILE A 58 -7.40 8.56 11.62
N PRO A 59 -6.91 9.76 11.25
CA PRO A 59 -7.53 10.59 10.23
C PRO A 59 -6.93 10.33 8.84
N GLU A 60 -6.00 9.40 8.81
CA GLU A 60 -5.30 9.06 7.58
C GLU A 60 -5.97 7.87 6.89
N GLU A 61 -6.84 8.17 5.95
CA GLU A 61 -7.56 7.14 5.20
C GLU A 61 -6.69 6.58 4.08
N GLY A 62 -5.60 7.29 3.77
CA GLY A 62 -4.72 6.86 2.71
C GLY A 62 -4.63 7.86 1.59
N PHE A 63 -5.38 8.93 1.70
CA PHE A 63 -5.38 10.00 0.70
C PHE A 63 -4.26 11.00 0.95
N ILE A 64 -3.21 10.54 1.62
CA ILE A 64 -2.09 11.41 1.96
C ILE A 64 -1.40 11.89 0.68
N HIS A 65 -1.33 10.98 -0.30
CA HIS A 65 -0.93 11.32 -1.68
C HIS A 65 0.59 11.51 -1.77
N THR A 66 1.27 11.23 -0.68
CA THR A 66 2.71 11.43 -0.62
C THR A 66 3.46 10.13 -0.87
N GLN A 67 2.74 9.02 -0.95
CA GLN A 67 3.37 7.72 -1.20
C GLN A 67 3.68 7.59 -2.69
N TYR A 68 3.31 8.64 -3.43
CA TYR A 68 3.66 8.76 -4.83
C TYR A 68 4.97 9.53 -4.95
N GLY A 69 5.41 10.07 -3.82
CA GLY A 69 6.63 10.85 -3.78
C GLY A 69 7.79 10.04 -3.21
N GLN A 70 7.90 8.79 -3.63
CA GLN A 70 8.94 7.90 -3.14
C GLN A 70 9.81 7.42 -4.29
N LYS A 71 11.08 7.81 -4.28
CA LYS A 71 12.02 7.30 -5.27
C LYS A 71 13.26 6.75 -4.56
N PRO A 72 13.30 5.43 -4.33
CA PRO A 72 14.44 4.74 -3.73
C PRO A 72 15.52 4.44 -4.77
N GLU A 73 15.13 4.57 -6.04
CA GLU A 73 16.03 4.34 -7.16
C GLU A 73 17.06 5.46 -7.27
N GLN A 74 18.20 5.23 -6.63
CA GLN A 74 19.29 6.19 -6.65
C GLN A 74 20.40 5.78 -7.63
N PRO A 75 20.90 4.52 -7.57
CA PRO A 75 21.99 4.07 -8.46
C PRO A 75 21.62 4.13 -9.93
N SER A 76 20.67 3.31 -10.35
CA SER A 76 20.31 3.25 -11.77
C SER A 76 18.78 3.24 -11.96
N GLY A 77 18.13 2.31 -11.28
CA GLY A 77 16.71 2.08 -11.52
C GLY A 77 16.52 1.02 -12.58
N ALA A 78 17.11 1.26 -13.74
CA ALA A 78 17.12 0.29 -14.84
C ALA A 78 18.50 0.27 -15.46
N SER A 79 19.24 -0.80 -15.21
CA SER A 79 20.61 -0.92 -15.68
C SER A 79 20.64 -1.37 -17.14
N ALA A 80 20.46 -0.42 -18.05
CA ALA A 80 20.54 -0.71 -19.47
C ALA A 80 21.56 0.19 -20.15
N GLY A 81 21.94 1.26 -19.46
CA GLY A 81 22.85 2.24 -20.05
C GLY A 81 24.31 1.87 -19.89
N HIS A 82 24.60 0.86 -19.08
CA HIS A 82 25.98 0.43 -18.86
C HIS A 82 26.23 -0.90 -19.54
N ARG A 83 25.64 -1.96 -18.98
CA ARG A 83 25.78 -3.30 -19.53
C ARG A 83 27.25 -3.74 -19.46
N PHE A 84 27.61 -4.79 -20.18
CA PHE A 84 28.98 -5.30 -20.15
C PHE A 84 29.57 -5.58 -21.54
N PRO A 85 28.79 -6.15 -22.50
CA PRO A 85 29.30 -6.45 -23.86
C PRO A 85 29.90 -5.25 -24.59
N GLN A 86 29.76 -4.05 -24.03
CA GLN A 86 30.39 -2.87 -24.59
C GLN A 86 31.91 -3.01 -24.55
N GLY A 87 32.37 -3.73 -23.53
CA GLY A 87 33.79 -3.95 -23.37
C GLY A 87 34.12 -5.41 -23.10
N TYR A 88 33.17 -6.13 -22.50
CA TYR A 88 33.33 -7.55 -22.17
C TYR A 88 34.58 -7.76 -21.32
N HIS A 89 34.49 -7.36 -20.06
CA HIS A 89 35.64 -7.38 -19.14
C HIS A 89 36.71 -6.40 -19.61
N SER A 90 37.60 -6.87 -20.49
CA SER A 90 38.74 -6.08 -20.95
C SER A 90 39.50 -5.46 -19.77
N ASP A 91 39.54 -6.19 -18.67
CA ASP A 91 40.20 -5.74 -17.45
C ASP A 91 41.64 -5.35 -17.74
N LYS A 92 42.40 -6.31 -18.27
CA LYS A 92 43.78 -6.09 -18.72
C LYS A 92 44.75 -5.82 -17.56
N ARG A 93 44.22 -5.69 -16.36
CA ARG A 93 45.01 -5.33 -15.18
C ARG A 93 45.66 -3.96 -15.38
N ARG A 94 44.92 -2.92 -15.04
CA ARG A 94 45.36 -1.55 -15.25
C ARG A 94 46.41 -1.17 -14.21
N LEU A 95 47.10 -0.06 -14.43
CA LEU A 95 48.14 0.38 -13.52
C LEU A 95 47.54 1.25 -12.42
N SER A 96 47.24 0.64 -11.29
CA SER A 96 46.75 1.37 -10.13
C SER A 96 47.87 2.22 -9.56
N LYS A 97 49.07 1.69 -9.62
CA LYS A 97 50.24 2.35 -9.05
C LYS A 97 50.78 3.44 -9.97
N ALA A 98 51.47 4.39 -9.35
CA ALA A 98 52.09 5.53 -10.04
C ALA A 98 51.03 6.55 -10.46
N SER A 99 50.64 7.40 -9.52
CA SER A 99 49.68 8.45 -9.80
C SER A 99 50.00 9.72 -9.00
N SER A 100 50.92 9.60 -8.05
CA SER A 100 51.30 10.73 -7.21
C SER A 100 52.26 11.65 -7.95
N LYS A 101 51.92 12.93 -8.00
CA LYS A 101 52.72 13.91 -8.73
C LYS A 101 53.64 14.69 -7.80
N ALA A 102 53.18 14.94 -6.58
CA ALA A 102 53.94 15.72 -5.61
C ALA A 102 55.19 14.96 -5.16
N ARG A 103 56.35 15.53 -5.47
CA ARG A 103 57.62 14.91 -5.10
C ARG A 103 57.98 15.30 -3.68
N SER A 104 58.03 16.60 -3.45
CA SER A 104 58.23 17.18 -2.14
C SER A 104 57.50 18.51 -2.11
N ASP A 105 56.57 18.62 -3.04
CA ASP A 105 55.86 19.86 -3.29
C ASP A 105 54.56 19.89 -2.49
N ASP A 106 54.58 20.63 -1.39
CA ASP A 106 53.41 20.75 -0.53
C ASP A 106 52.27 21.42 -1.28
N LEU A 107 52.31 22.74 -1.36
CA LEU A 107 51.34 23.51 -2.13
C LEU A 107 51.87 24.90 -2.40
N SER A 108 53.15 25.11 -2.09
CA SER A 108 53.78 26.42 -2.24
C SER A 108 54.81 26.41 -3.36
N VAL A 109 54.82 25.33 -4.13
CA VAL A 109 55.75 25.17 -5.24
C VAL A 109 54.99 25.12 -6.54
N GLY A 1 -55.58 -32.10 37.70
CA GLY A 1 -55.84 -30.70 37.26
C GLY A 1 -54.86 -30.27 36.19
N PRO A 2 -54.03 -29.26 36.47
CA PRO A 2 -53.02 -28.76 35.52
C PRO A 2 -51.87 -29.76 35.33
N LEU A 3 -51.26 -29.74 34.16
CA LEU A 3 -50.14 -30.63 33.88
C LEU A 3 -48.84 -29.87 33.77
N GLY A 4 -48.81 -28.87 32.90
CA GLY A 4 -47.61 -28.09 32.72
C GLY A 4 -47.77 -27.03 31.65
N SER A 5 -48.27 -25.86 32.05
CA SER A 5 -48.48 -24.73 31.14
C SER A 5 -49.41 -25.11 29.99
N THR A 6 -50.45 -25.87 30.32
CA THR A 6 -51.44 -26.29 29.34
C THR A 6 -52.19 -25.08 28.77
N SER A 7 -52.22 -24.00 29.55
CA SER A 7 -52.81 -22.75 29.08
C SER A 7 -51.81 -22.03 28.18
N LEU A 8 -51.85 -22.35 26.90
CA LEU A 8 -50.89 -21.81 25.94
C LEU A 8 -51.19 -20.34 25.64
N VAL A 9 -50.25 -19.48 25.99
CA VAL A 9 -50.38 -18.06 25.71
C VAL A 9 -49.81 -17.73 24.33
N GLN A 10 -48.97 -18.64 23.85
CA GLN A 10 -48.39 -18.56 22.50
C GLN A 10 -47.66 -17.24 22.26
N GLY A 11 -47.05 -16.70 23.31
CA GLY A 11 -46.36 -15.43 23.18
C GLY A 11 -44.89 -15.60 22.89
N LEU A 12 -44.60 -16.26 21.78
CA LEU A 12 -43.21 -16.49 21.38
C LEU A 12 -42.81 -15.54 20.26
N THR A 13 -43.83 -15.04 19.55
CA THR A 13 -43.60 -14.15 18.41
C THR A 13 -44.05 -12.70 18.72
N PRO A 14 -45.25 -12.50 19.33
CA PRO A 14 -45.72 -11.14 19.69
C PRO A 14 -44.70 -10.27 20.45
N PRO A 15 -44.05 -10.77 21.54
CA PRO A 15 -43.07 -9.96 22.29
C PRO A 15 -41.90 -9.41 21.44
N PRO A 16 -41.16 -10.25 20.69
CA PRO A 16 -40.11 -9.76 19.78
C PRO A 16 -40.67 -9.31 18.44
N ASP A 17 -39.78 -9.10 17.46
CA ASP A 17 -40.16 -8.65 16.11
C ASP A 17 -40.78 -7.25 16.15
N PHE A 18 -42.01 -7.16 16.65
CA PHE A 18 -42.70 -5.90 16.80
C PHE A 18 -42.38 -5.28 18.15
N ASN A 19 -41.13 -5.44 18.57
CA ASN A 19 -40.69 -4.99 19.87
C ASN A 19 -40.46 -3.49 19.87
N GLN A 20 -40.75 -2.86 21.01
CA GLN A 20 -40.57 -1.42 21.15
C GLN A 20 -39.29 -1.13 21.92
N CYS A 21 -39.01 -1.94 22.94
CA CYS A 21 -37.77 -1.86 23.72
C CYS A 21 -37.56 -0.47 24.37
N LEU A 22 -38.59 0.38 24.32
CA LEU A 22 -38.56 1.68 24.97
C LEU A 22 -37.39 2.55 24.49
N LYS A 23 -37.00 2.41 23.21
CA LYS A 23 -35.88 3.18 22.68
C LYS A 23 -36.28 4.60 22.30
N ASN A 24 -37.17 5.19 23.11
CA ASN A 24 -37.58 6.59 22.97
C ASN A 24 -38.45 6.81 21.75
N SER A 25 -37.90 6.54 20.57
CA SER A 25 -38.53 6.88 19.30
C SER A 25 -38.63 8.39 19.11
N PRO A 26 -37.48 9.06 18.91
CA PRO A 26 -37.45 10.50 18.67
C PRO A 26 -37.74 10.85 17.22
N ASP A 27 -37.59 9.85 16.35
CA ASP A 27 -37.77 10.00 14.92
C ASP A 27 -37.37 8.69 14.23
N GLU A 28 -36.21 8.19 14.63
CA GLU A 28 -35.66 6.92 14.15
C GLU A 28 -35.41 6.93 12.64
N LYS A 29 -35.12 8.11 12.09
CA LYS A 29 -34.72 8.26 10.69
C LYS A 29 -33.28 7.79 10.46
N PHE A 30 -32.84 6.82 11.27
CA PHE A 30 -31.46 6.36 11.25
C PHE A 30 -30.50 7.53 11.46
N PHE A 31 -29.73 7.87 10.44
CA PHE A 31 -28.76 8.94 10.52
C PHE A 31 -28.88 9.85 9.32
N SER A 32 -30.11 9.96 8.80
CA SER A 32 -30.44 10.66 7.55
C SER A 32 -29.41 11.70 7.16
N ASP A 33 -29.36 12.78 7.92
CA ASP A 33 -28.45 13.87 7.62
C ASP A 33 -27.68 14.32 8.85
N PHE A 34 -27.52 13.41 9.80
CA PHE A 34 -26.81 13.70 11.03
C PHE A 34 -25.35 13.25 10.91
N SER A 35 -25.07 12.62 9.79
CA SER A 35 -23.74 12.10 9.49
C SER A 35 -23.78 11.40 8.15
N ASN A 36 -24.93 10.79 7.86
CA ASN A 36 -25.15 10.04 6.63
C ASN A 36 -24.21 8.83 6.60
N ASN A 37 -23.91 8.33 7.78
CA ASN A 37 -23.03 7.17 7.95
C ASN A 37 -23.85 5.88 7.95
N MET A 38 -25.04 5.95 7.37
CA MET A 38 -25.94 4.80 7.32
C MET A 38 -25.35 3.70 6.47
N GLY A 39 -24.98 2.60 7.11
CA GLY A 39 -24.31 1.51 6.43
C GLY A 39 -22.85 1.46 6.78
N SER A 40 -22.27 2.62 7.06
CA SER A 40 -20.88 2.76 7.50
C SER A 40 -19.89 2.45 6.39
N ARG A 41 -20.38 1.86 5.29
CA ARG A 41 -19.52 1.41 4.19
C ARG A 41 -18.61 0.26 4.63
N LYS A 42 -18.89 -0.92 4.13
CA LYS A 42 -18.13 -2.11 4.49
C LYS A 42 -16.81 -2.14 3.73
N ASN A 43 -15.90 -1.23 4.07
CA ASN A 43 -14.61 -1.09 3.39
C ASN A 43 -14.78 -0.94 1.89
N PRO A 44 -15.05 0.29 1.45
CA PRO A 44 -15.30 0.59 0.05
C PRO A 44 -14.01 0.87 -0.72
N ASP A 45 -14.05 1.84 -1.61
CA ASP A 45 -12.89 2.16 -2.44
C ASP A 45 -12.37 3.57 -2.15
N PRO A 46 -11.58 3.74 -1.07
CA PRO A 46 -10.93 4.99 -0.75
C PRO A 46 -9.49 5.02 -1.27
N LEU A 47 -9.03 3.89 -1.77
CA LEU A 47 -7.67 3.77 -2.26
C LEU A 47 -7.62 3.78 -3.77
N ALA A 48 -8.42 2.90 -4.38
CA ALA A 48 -8.55 2.81 -5.85
C ALA A 48 -7.22 2.42 -6.48
N THR A 49 -6.38 1.76 -5.68
CA THR A 49 -5.06 1.36 -6.13
C THR A 49 -4.86 -0.15 -6.03
N GLU A 50 -4.93 -0.68 -4.81
CA GLU A 50 -4.78 -2.12 -4.53
C GLU A 50 -3.32 -2.56 -4.65
N GLU A 51 -2.70 -2.29 -5.80
CA GLU A 51 -1.32 -2.67 -6.05
C GLU A 51 -0.38 -2.08 -4.99
N VAL A 52 -0.48 -0.75 -4.81
CA VAL A 52 0.37 0.01 -3.88
C VAL A 52 1.78 -0.56 -3.76
N PRO A 53 2.55 -0.57 -4.86
CA PRO A 53 3.90 -1.13 -4.87
C PRO A 53 4.89 -0.25 -4.11
N ASN A 54 5.00 1.00 -4.54
CA ASN A 54 5.95 1.94 -3.94
C ASN A 54 5.26 3.22 -3.49
N GLN A 55 3.97 3.32 -3.83
CA GLN A 55 3.19 4.56 -3.60
C GLN A 55 3.63 5.67 -4.55
N GLU A 56 4.92 5.73 -4.82
CA GLU A 56 5.49 6.67 -5.77
C GLU A 56 5.24 6.20 -7.20
N GLN A 57 4.40 5.17 -7.35
CA GLN A 57 4.14 4.52 -8.63
C GLN A 57 5.36 3.71 -9.07
N ILE A 58 6.43 4.42 -9.44
CA ILE A 58 7.65 3.81 -9.92
C ILE A 58 7.37 2.88 -11.12
N PRO A 59 7.25 3.48 -12.32
CA PRO A 59 6.99 2.73 -13.55
C PRO A 59 8.26 2.15 -14.14
N GLU A 60 9.29 2.05 -13.31
CA GLU A 60 10.62 1.56 -13.72
C GLU A 60 11.29 2.51 -14.70
N GLU A 61 10.63 3.65 -14.97
CA GLU A 61 11.09 4.63 -15.97
C GLU A 61 11.01 4.05 -17.38
N GLY A 62 11.84 3.05 -17.66
CA GLY A 62 11.84 2.40 -18.96
C GLY A 62 13.23 2.36 -19.57
N PHE A 63 14.09 3.25 -19.11
CA PHE A 63 15.41 3.41 -19.69
C PHE A 63 16.47 3.47 -18.60
N ILE A 64 16.53 2.42 -17.81
CA ILE A 64 17.49 2.35 -16.71
C ILE A 64 18.89 2.10 -17.24
N HIS A 65 19.70 3.14 -17.30
CA HIS A 65 21.06 3.03 -17.79
C HIS A 65 21.94 2.35 -16.74
N THR A 66 22.31 1.11 -17.00
CA THR A 66 23.14 0.33 -16.09
C THR A 66 23.59 -0.96 -16.77
N GLN A 67 22.78 -1.46 -17.69
CA GLN A 67 23.15 -2.62 -18.51
C GLN A 67 24.41 -2.29 -19.32
N TYR A 68 24.60 -1.01 -19.59
CA TYR A 68 25.76 -0.53 -20.33
C TYR A 68 26.45 0.57 -19.55
N GLY A 69 26.17 0.61 -18.26
CA GLY A 69 26.63 1.71 -17.42
C GLY A 69 27.98 1.47 -16.79
N GLN A 70 28.65 0.39 -17.18
CA GLN A 70 29.95 0.07 -16.60
C GLN A 70 31.08 0.80 -17.34
N LYS A 71 31.07 2.11 -17.23
CA LYS A 71 32.13 2.94 -17.78
C LYS A 71 33.00 3.51 -16.64
N PRO A 72 34.20 2.95 -16.46
CA PRO A 72 35.05 3.20 -15.30
C PRO A 72 35.76 4.55 -15.32
N GLU A 73 35.71 5.24 -16.45
CA GLU A 73 36.36 6.53 -16.57
C GLU A 73 35.66 7.59 -15.73
N GLN A 74 36.43 8.21 -14.83
CA GLN A 74 35.89 9.24 -13.94
C GLN A 74 36.92 10.37 -13.76
N PRO A 75 38.16 10.07 -13.30
CA PRO A 75 39.19 11.09 -13.11
C PRO A 75 39.79 11.56 -14.43
N SER A 76 40.53 10.68 -15.08
CA SER A 76 41.11 10.96 -16.38
C SER A 76 41.39 9.65 -17.10
N GLY A 77 42.49 8.98 -16.73
CA GLY A 77 42.77 7.66 -17.23
C GLY A 77 43.27 7.63 -18.67
N ALA A 78 42.41 7.97 -19.62
CA ALA A 78 42.69 7.79 -21.04
C ALA A 78 43.94 8.52 -21.51
N SER A 79 44.25 9.67 -20.92
CA SER A 79 45.34 10.48 -21.41
C SER A 79 46.68 10.11 -20.78
N ALA A 80 46.73 10.00 -19.45
CA ALA A 80 47.99 9.81 -18.76
C ALA A 80 47.83 8.90 -17.54
N GLY A 81 48.95 8.36 -17.07
CA GLY A 81 48.93 7.48 -15.92
C GLY A 81 48.42 6.09 -16.24
N HIS A 82 47.95 5.92 -17.47
CA HIS A 82 47.34 4.66 -17.87
C HIS A 82 48.39 3.66 -18.36
N ARG A 83 48.94 2.93 -17.42
CA ARG A 83 49.88 1.86 -17.70
C ARG A 83 49.49 0.64 -16.88
N PHE A 84 50.33 -0.38 -16.85
CA PHE A 84 50.07 -1.54 -15.98
C PHE A 84 50.05 -1.12 -14.51
N PRO A 85 51.10 -0.42 -14.02
CA PRO A 85 51.09 0.18 -12.69
C PRO A 85 49.79 0.91 -12.40
N GLN A 86 49.33 0.74 -11.17
CA GLN A 86 48.05 1.28 -10.67
C GLN A 86 46.91 0.34 -11.02
N GLY A 87 47.04 -0.32 -12.16
CA GLY A 87 46.06 -1.30 -12.58
C GLY A 87 46.59 -2.70 -12.41
N TYR A 88 47.72 -2.80 -11.72
CA TYR A 88 48.35 -4.08 -11.43
C TYR A 88 47.40 -4.94 -10.61
N HIS A 89 46.85 -5.97 -11.24
CA HIS A 89 45.84 -6.83 -10.63
C HIS A 89 44.54 -6.08 -10.39
N SER A 90 44.46 -5.37 -9.26
CA SER A 90 43.23 -4.73 -8.83
C SER A 90 42.07 -5.74 -8.78
N ASP A 91 41.33 -5.83 -9.89
CA ASP A 91 40.28 -6.83 -10.08
C ASP A 91 39.37 -6.98 -8.86
N LYS A 92 38.39 -6.12 -8.78
CA LYS A 92 37.48 -6.12 -7.65
C LYS A 92 36.04 -6.19 -8.13
N ARG A 93 35.78 -5.48 -9.24
CA ARG A 93 34.43 -5.32 -9.81
C ARG A 93 33.38 -5.00 -8.75
N ARG A 94 33.04 -3.71 -8.61
CA ARG A 94 32.08 -3.25 -7.59
C ARG A 94 32.67 -3.41 -6.20
N LEU A 95 31.82 -3.31 -5.18
CA LEU A 95 32.24 -3.49 -3.79
C LEU A 95 31.26 -4.38 -3.04
N SER A 96 30.29 -3.76 -2.40
CA SER A 96 29.27 -4.48 -1.65
C SER A 96 27.89 -3.94 -2.01
N LYS A 97 27.72 -2.61 -1.90
CA LYS A 97 26.45 -1.98 -2.22
C LYS A 97 26.61 -1.12 -3.48
N ALA A 98 27.56 -0.21 -3.42
CA ALA A 98 27.96 0.59 -4.58
C ALA A 98 26.80 1.38 -5.18
N SER A 99 25.98 1.96 -4.32
CA SER A 99 24.84 2.76 -4.76
C SER A 99 25.24 4.24 -4.90
N SER A 100 26.54 4.47 -5.02
CA SER A 100 27.08 5.81 -5.08
C SER A 100 27.22 6.28 -6.53
N LYS A 101 26.36 7.20 -6.95
CA LYS A 101 26.42 7.75 -8.29
C LYS A 101 26.89 9.20 -8.24
N ALA A 102 27.97 9.50 -8.94
CA ALA A 102 28.46 10.87 -9.05
C ALA A 102 27.43 11.74 -9.75
N ARG A 103 26.82 11.18 -10.78
CA ARG A 103 25.75 11.85 -11.51
C ARG A 103 25.04 10.86 -12.42
N SER A 104 25.82 9.96 -13.03
CA SER A 104 25.29 8.95 -13.95
C SER A 104 24.36 9.58 -14.98
N ASP A 105 24.87 10.58 -15.67
CA ASP A 105 24.09 11.32 -16.65
C ASP A 105 23.82 10.45 -17.87
N ASP A 106 22.93 10.93 -18.74
CA ASP A 106 22.50 10.15 -19.89
C ASP A 106 23.64 10.01 -20.89
N LEU A 107 24.31 11.14 -21.19
CA LEU A 107 25.48 11.15 -22.06
C LEU A 107 26.19 12.50 -22.02
N SER A 108 25.57 13.47 -21.36
CA SER A 108 26.11 14.81 -21.29
C SER A 108 27.17 14.93 -20.19
N VAL A 109 28.34 14.39 -20.48
CA VAL A 109 29.47 14.44 -19.55
C VAL A 109 30.76 14.73 -20.30
N GLY A 1 -59.27 -19.59 23.38
CA GLY A 1 -59.26 -19.99 24.80
C GLY A 1 -58.57 -18.97 25.68
N PRO A 2 -59.33 -18.11 26.36
CA PRO A 2 -58.80 -17.11 27.26
C PRO A 2 -58.66 -17.65 28.69
N LEU A 3 -58.69 -18.99 28.81
CA LEU A 3 -58.63 -19.68 30.11
C LEU A 3 -59.91 -19.45 30.91
N GLY A 4 -60.21 -18.19 31.19
CA GLY A 4 -61.42 -17.86 31.92
C GLY A 4 -62.40 -17.13 31.01
N SER A 5 -63.39 -17.85 30.52
CA SER A 5 -64.34 -17.28 29.58
C SER A 5 -65.52 -16.65 30.32
N THR A 6 -65.43 -15.34 30.54
CA THR A 6 -66.46 -14.61 31.24
C THR A 6 -67.73 -14.51 30.40
N SER A 7 -67.60 -13.96 29.19
CA SER A 7 -68.73 -13.78 28.30
C SER A 7 -68.27 -13.65 26.85
N LEU A 8 -67.34 -12.72 26.61
CA LEU A 8 -66.89 -12.38 25.26
C LEU A 8 -68.08 -12.05 24.36
N VAL A 9 -68.66 -10.87 24.58
CA VAL A 9 -69.87 -10.47 23.87
C VAL A 9 -69.57 -10.03 22.45
N GLN A 10 -68.28 -9.94 22.15
CA GLN A 10 -67.82 -9.57 20.82
C GLN A 10 -66.33 -9.87 20.69
N GLY A 11 -65.60 -9.66 21.77
CA GLY A 11 -64.17 -9.93 21.76
C GLY A 11 -63.37 -8.76 21.26
N LEU A 12 -63.00 -7.87 22.16
CA LEU A 12 -62.26 -6.67 21.80
C LEU A 12 -60.76 -6.88 21.96
N THR A 13 -60.02 -6.43 20.96
CA THR A 13 -58.57 -6.55 20.94
C THR A 13 -57.84 -5.47 21.77
N PRO A 14 -58.31 -4.20 21.76
CA PRO A 14 -57.68 -3.13 22.55
C PRO A 14 -57.46 -3.45 24.04
N PRO A 15 -58.49 -3.93 24.79
CA PRO A 15 -58.36 -4.16 26.24
C PRO A 15 -57.16 -5.03 26.66
N PRO A 16 -57.00 -6.27 26.15
CA PRO A 16 -55.92 -7.14 26.59
C PRO A 16 -54.57 -6.79 25.97
N ASP A 17 -54.59 -6.41 24.70
CA ASP A 17 -53.38 -6.16 23.91
C ASP A 17 -52.40 -7.33 23.96
N PHE A 18 -52.43 -8.13 22.93
CA PHE A 18 -51.47 -9.21 22.79
C PHE A 18 -50.45 -8.87 21.71
N ASN A 19 -50.23 -7.57 21.51
CA ASN A 19 -49.26 -7.10 20.54
C ASN A 19 -47.96 -6.72 21.25
N GLN A 20 -48.08 -6.16 22.44
CA GLN A 20 -46.93 -5.79 23.23
C GLN A 20 -47.12 -6.18 24.69
N CYS A 21 -48.37 -6.24 25.12
CA CYS A 21 -48.74 -6.68 26.47
C CYS A 21 -48.11 -5.79 27.56
N LEU A 22 -47.64 -4.61 27.14
CA LEU A 22 -47.08 -3.60 28.06
C LEU A 22 -45.90 -4.14 28.88
N LYS A 23 -45.23 -5.18 28.41
CA LYS A 23 -44.18 -5.81 29.20
C LYS A 23 -42.81 -5.19 28.97
N ASN A 24 -42.80 -3.89 28.69
CA ASN A 24 -41.60 -3.06 28.85
C ASN A 24 -40.47 -3.33 27.85
N SER A 25 -40.57 -4.39 27.09
CA SER A 25 -39.62 -4.60 26.01
C SER A 25 -40.29 -4.42 24.63
N PRO A 26 -40.78 -3.21 24.30
CA PRO A 26 -41.27 -2.91 22.96
C PRO A 26 -40.12 -2.81 21.95
N ASP A 27 -39.28 -1.80 22.08
CA ASP A 27 -38.17 -1.61 21.16
C ASP A 27 -36.82 -1.84 21.83
N GLU A 28 -36.36 -3.07 21.78
CA GLU A 28 -35.00 -3.38 22.19
C GLU A 28 -34.35 -4.31 21.16
N LYS A 29 -34.35 -3.86 19.91
CA LYS A 29 -33.79 -4.63 18.81
C LYS A 29 -32.36 -4.17 18.53
N PHE A 30 -31.77 -3.44 19.49
CA PHE A 30 -30.39 -2.94 19.40
C PHE A 30 -30.27 -1.82 18.37
N PHE A 31 -30.60 -2.14 17.12
CA PHE A 31 -30.69 -1.15 16.08
C PHE A 31 -32.08 -0.56 16.13
N SER A 32 -32.94 -1.21 16.90
CA SER A 32 -34.31 -0.76 17.13
C SER A 32 -35.09 -0.67 15.82
N ASP A 33 -34.66 -1.47 14.85
CA ASP A 33 -35.21 -1.48 13.50
C ASP A 33 -35.02 -0.12 12.83
N PHE A 34 -33.87 0.03 12.20
CA PHE A 34 -33.51 1.24 11.51
C PHE A 34 -32.86 0.88 10.18
N SER A 35 -32.40 -0.35 10.09
CA SER A 35 -31.78 -0.86 8.88
C SER A 35 -32.76 -1.73 8.10
N ASN A 36 -34.01 -1.83 8.61
CA ASN A 36 -35.10 -2.57 7.95
C ASN A 36 -34.89 -4.08 8.02
N ASN A 37 -33.67 -4.54 7.78
CA ASN A 37 -33.36 -5.96 7.87
C ASN A 37 -32.82 -6.30 9.25
N MET A 38 -32.95 -5.36 10.17
CA MET A 38 -32.49 -5.53 11.56
C MET A 38 -30.99 -5.81 11.60
N GLY A 39 -30.28 -5.41 10.56
CA GLY A 39 -28.87 -5.66 10.47
C GLY A 39 -28.58 -6.95 9.74
N SER A 40 -28.19 -7.98 10.49
CA SER A 40 -27.86 -9.30 9.94
C SER A 40 -26.88 -9.16 8.79
N ARG A 41 -25.63 -8.96 9.15
CA ARG A 41 -24.61 -8.64 8.17
C ARG A 41 -23.51 -9.69 8.17
N LYS A 42 -23.29 -10.29 7.01
CA LYS A 42 -22.23 -11.28 6.85
C LYS A 42 -21.04 -10.68 6.12
N ASN A 43 -20.45 -9.65 6.72
CA ASN A 43 -19.33 -8.90 6.14
C ASN A 43 -19.70 -8.39 4.76
N PRO A 44 -20.29 -7.19 4.72
CA PRO A 44 -20.76 -6.58 3.48
C PRO A 44 -19.68 -5.76 2.80
N ASP A 45 -20.09 -4.66 2.19
CA ASP A 45 -19.17 -3.76 1.52
C ASP A 45 -19.10 -2.41 2.24
N PRO A 46 -18.07 -2.23 3.09
CA PRO A 46 -17.84 -0.96 3.77
C PRO A 46 -17.18 0.06 2.85
N LEU A 47 -16.69 -0.43 1.72
CA LEU A 47 -16.03 0.42 0.73
C LEU A 47 -16.62 0.19 -0.65
N ALA A 48 -16.37 -1.02 -1.21
CA ALA A 48 -16.94 -1.47 -2.49
C ALA A 48 -16.18 -0.87 -3.68
N THR A 49 -15.69 0.35 -3.51
CA THR A 49 -14.91 1.01 -4.54
C THR A 49 -13.60 0.26 -4.79
N GLU A 50 -12.89 -0.04 -3.70
CA GLU A 50 -11.59 -0.71 -3.75
C GLU A 50 -10.60 0.09 -4.60
N GLU A 51 -10.81 1.41 -4.63
CA GLU A 51 -10.00 2.36 -5.41
C GLU A 51 -10.23 2.19 -6.92
N VAL A 52 -9.91 1.00 -7.42
CA VAL A 52 -9.99 0.68 -8.86
C VAL A 52 -9.54 1.86 -9.74
N PRO A 53 -8.28 2.29 -9.59
CA PRO A 53 -7.77 3.50 -10.27
C PRO A 53 -7.63 3.31 -11.79
N ASN A 54 -6.70 2.45 -12.20
CA ASN A 54 -6.42 2.27 -13.61
C ASN A 54 -6.88 0.92 -14.11
N GLN A 55 -6.77 -0.07 -13.26
CA GLN A 55 -7.13 -1.44 -13.60
C GLN A 55 -7.21 -2.33 -12.35
N GLU A 56 -6.08 -2.53 -11.69
CA GLU A 56 -6.05 -3.39 -10.51
C GLU A 56 -5.71 -2.55 -9.29
N GLN A 57 -4.42 -2.46 -8.99
CA GLN A 57 -3.94 -1.68 -7.86
C GLN A 57 -2.81 -0.78 -8.35
N ILE A 58 -2.74 0.42 -7.81
CA ILE A 58 -1.74 1.36 -8.28
C ILE A 58 -0.92 1.94 -7.12
N PRO A 59 0.06 1.15 -6.62
CA PRO A 59 1.03 1.60 -5.64
C PRO A 59 2.37 1.96 -6.29
N GLU A 60 2.33 2.15 -7.60
CA GLU A 60 3.52 2.38 -8.39
C GLU A 60 3.39 3.64 -9.23
N GLU A 61 2.39 4.47 -8.89
CA GLU A 61 2.07 5.69 -9.62
C GLU A 61 1.57 5.40 -11.04
N GLY A 62 2.43 4.82 -11.85
CA GLY A 62 2.06 4.51 -13.23
C GLY A 62 2.74 5.44 -14.21
N PHE A 63 3.44 6.43 -13.68
CA PHE A 63 4.13 7.44 -14.47
C PHE A 63 5.55 7.66 -13.94
N ILE A 64 6.35 6.60 -13.98
CA ILE A 64 7.70 6.65 -13.43
C ILE A 64 8.67 7.20 -14.47
N HIS A 65 8.21 7.28 -15.72
CA HIS A 65 8.99 7.87 -16.82
C HIS A 65 10.24 7.03 -17.11
N THR A 66 10.20 5.77 -16.71
CA THR A 66 11.36 4.89 -16.79
C THR A 66 11.53 4.34 -18.19
N GLN A 67 10.50 4.50 -19.02
CA GLN A 67 10.61 4.16 -20.44
C GLN A 67 11.53 5.17 -21.12
N TYR A 68 11.88 6.20 -20.36
CA TYR A 68 12.84 7.20 -20.78
C TYR A 68 13.99 7.23 -19.77
N GLY A 69 13.89 6.35 -18.78
CA GLY A 69 14.83 6.34 -17.68
C GLY A 69 16.03 5.45 -17.95
N GLN A 70 15.89 4.59 -18.94
CA GLN A 70 16.93 3.64 -19.29
C GLN A 70 17.83 4.20 -20.38
N LYS A 71 19.14 4.13 -20.15
CA LYS A 71 20.13 4.59 -21.12
C LYS A 71 21.48 3.93 -20.86
N PRO A 72 21.65 2.69 -21.35
CA PRO A 72 22.87 1.93 -21.19
C PRO A 72 23.86 2.18 -22.33
N GLU A 73 24.86 3.00 -22.08
CA GLU A 73 25.92 3.23 -23.05
C GLU A 73 26.86 2.05 -23.09
N GLN A 74 27.21 1.58 -21.90
CA GLN A 74 28.19 0.51 -21.71
C GLN A 74 29.56 0.95 -22.26
N PRO A 75 30.15 2.00 -21.64
CA PRO A 75 31.41 2.59 -22.12
C PRO A 75 32.64 1.71 -21.84
N SER A 76 32.46 0.64 -21.08
CA SER A 76 33.54 -0.27 -20.79
C SER A 76 33.54 -1.41 -21.81
N GLY A 77 34.07 -1.12 -22.99
CA GLY A 77 34.13 -2.10 -24.05
C GLY A 77 35.07 -1.69 -25.15
N ALA A 78 36.01 -2.59 -25.48
CA ALA A 78 37.01 -2.37 -26.52
C ALA A 78 38.08 -1.37 -26.06
N SER A 79 39.31 -1.64 -26.46
CA SER A 79 40.43 -0.80 -26.12
C SER A 79 41.41 -0.76 -27.29
N ALA A 80 42.58 -0.19 -27.08
CA ALA A 80 43.58 -0.12 -28.14
C ALA A 80 44.80 -0.94 -27.75
N GLY A 81 44.61 -1.81 -26.78
CA GLY A 81 45.71 -2.56 -26.22
C GLY A 81 46.54 -1.70 -25.31
N HIS A 82 45.95 -0.58 -24.88
CA HIS A 82 46.62 0.41 -24.05
C HIS A 82 47.70 1.14 -24.83
N ARG A 83 48.82 0.44 -25.07
CA ARG A 83 49.99 0.98 -25.81
C ARG A 83 50.76 1.99 -24.98
N PHE A 84 50.07 2.51 -23.99
CA PHE A 84 50.58 3.52 -23.07
C PHE A 84 51.22 4.72 -23.79
N PRO A 85 50.57 5.33 -24.81
CA PRO A 85 51.07 6.53 -25.47
C PRO A 85 50.63 7.80 -24.74
N GLN A 86 49.48 7.73 -24.07
CA GLN A 86 48.97 8.86 -23.31
C GLN A 86 49.94 9.15 -22.18
N GLY A 87 50.36 8.08 -21.52
CA GLY A 87 51.34 8.19 -20.47
C GLY A 87 52.67 7.64 -20.88
N TYR A 88 52.97 7.76 -22.18
CA TYR A 88 54.21 7.24 -22.75
C TYR A 88 55.41 7.89 -22.09
N HIS A 89 55.31 9.19 -21.86
CA HIS A 89 56.41 9.95 -21.31
C HIS A 89 55.92 10.93 -20.24
N SER A 90 54.75 10.68 -19.68
CA SER A 90 54.24 11.54 -18.62
C SER A 90 54.77 11.07 -17.27
N ASP A 91 55.76 11.78 -16.75
CA ASP A 91 56.33 11.42 -15.47
C ASP A 91 55.58 12.08 -14.34
N LYS A 92 54.93 11.26 -13.54
CA LYS A 92 54.10 11.74 -12.44
C LYS A 92 54.70 11.34 -11.09
N ARG A 93 56.00 11.05 -11.08
CA ARG A 93 56.64 10.54 -9.87
C ARG A 93 57.79 11.45 -9.42
N ARG A 94 57.91 12.62 -10.04
CA ARG A 94 59.03 13.52 -9.73
C ARG A 94 58.90 14.12 -8.33
N LEU A 95 60.02 14.63 -7.83
CA LEU A 95 60.05 15.30 -6.55
C LEU A 95 60.24 16.80 -6.78
N SER A 96 60.56 17.52 -5.72
CA SER A 96 60.84 18.95 -5.83
C SER A 96 62.06 19.21 -6.69
N LYS A 97 63.12 18.44 -6.48
CA LYS A 97 64.31 18.56 -7.32
C LYS A 97 64.37 17.39 -8.30
N ALA A 98 64.01 16.20 -7.82
CA ALA A 98 63.96 14.97 -8.62
C ALA A 98 65.33 14.56 -9.17
N SER A 99 66.35 15.35 -8.92
CA SER A 99 67.67 15.08 -9.43
C SER A 99 68.47 14.21 -8.45
N SER A 100 68.57 12.93 -8.77
CA SER A 100 69.46 12.05 -8.05
C SER A 100 70.81 12.02 -8.76
N LYS A 101 71.61 13.04 -8.50
CA LYS A 101 72.84 13.29 -9.24
C LYS A 101 73.98 12.38 -8.82
N ALA A 102 73.72 11.50 -7.87
CA ALA A 102 74.66 10.45 -7.53
C ALA A 102 74.00 9.10 -7.77
N ARG A 103 72.77 9.16 -8.29
CA ARG A 103 71.92 8.00 -8.50
C ARG A 103 71.51 7.36 -7.17
N SER A 104 72.43 6.60 -6.55
CA SER A 104 72.20 5.99 -5.24
C SER A 104 71.06 4.96 -5.27
N ASP A 105 70.53 4.71 -6.47
CA ASP A 105 69.35 3.87 -6.67
C ASP A 105 68.12 4.58 -6.14
N ASP A 106 67.87 4.47 -4.84
CA ASP A 106 66.72 5.11 -4.17
C ASP A 106 65.41 4.77 -4.89
N LEU A 107 65.37 3.59 -5.52
CA LEU A 107 64.19 3.11 -6.26
C LEU A 107 63.90 4.02 -7.46
N SER A 108 64.91 4.78 -7.88
CA SER A 108 64.77 5.67 -9.02
C SER A 108 65.80 5.35 -10.09
N VAL A 109 67.07 5.36 -9.69
CA VAL A 109 68.20 5.12 -10.60
C VAL A 109 68.16 6.10 -11.76
N GLY A 1 -47.39 -19.81 -0.59
CA GLY A 1 -47.64 -18.36 -0.70
C GLY A 1 -48.49 -17.85 0.45
N PRO A 2 -48.10 -16.73 1.08
CA PRO A 2 -48.88 -16.11 2.14
C PRO A 2 -50.21 -15.57 1.64
N LEU A 3 -51.30 -16.22 2.03
CA LEU A 3 -52.63 -15.81 1.59
C LEU A 3 -53.34 -15.17 2.77
N GLY A 4 -52.58 -14.91 3.82
CA GLY A 4 -53.15 -14.42 5.04
C GLY A 4 -53.37 -15.52 6.03
N SER A 5 -54.22 -15.26 7.01
CA SER A 5 -54.50 -16.21 8.05
C SER A 5 -55.66 -15.65 8.90
N THR A 6 -55.54 -15.79 10.20
CA THR A 6 -56.51 -15.20 11.11
C THR A 6 -56.31 -13.68 11.16
N SER A 7 -55.12 -13.25 10.73
CA SER A 7 -54.76 -11.84 10.61
C SER A 7 -54.70 -11.16 11.98
N LEU A 8 -53.52 -11.17 12.58
CA LEU A 8 -53.32 -10.55 13.88
C LEU A 8 -52.71 -9.16 13.70
N VAL A 9 -53.37 -8.16 14.25
CA VAL A 9 -52.88 -6.79 14.15
C VAL A 9 -52.20 -6.39 15.46
N GLN A 10 -50.88 -6.47 15.46
CA GLN A 10 -50.09 -6.22 16.66
C GLN A 10 -49.21 -4.97 16.49
N GLY A 11 -49.40 -4.28 15.38
CA GLY A 11 -48.53 -3.16 15.05
C GLY A 11 -48.90 -1.88 15.77
N LEU A 12 -49.38 -2.00 17.00
CA LEU A 12 -49.70 -0.85 17.84
C LEU A 12 -49.28 -1.19 19.25
N THR A 13 -48.83 -2.44 19.41
CA THR A 13 -48.64 -3.05 20.70
C THR A 13 -49.76 -2.70 21.68
N PRO A 14 -50.98 -3.21 21.41
CA PRO A 14 -52.09 -3.06 22.33
C PRO A 14 -51.85 -3.82 23.64
N PRO A 15 -51.61 -5.16 23.61
CA PRO A 15 -51.17 -5.91 24.78
C PRO A 15 -49.72 -6.43 24.68
N PRO A 16 -48.70 -5.54 24.69
CA PRO A 16 -47.29 -5.96 24.74
C PRO A 16 -46.97 -6.75 26.01
N ASP A 17 -47.78 -6.53 27.06
CA ASP A 17 -47.67 -7.23 28.34
C ASP A 17 -46.46 -6.76 29.16
N PHE A 18 -45.44 -6.20 28.48
CA PHE A 18 -44.24 -5.66 29.13
C PHE A 18 -43.39 -6.77 29.75
N ASN A 19 -43.63 -8.01 29.33
CA ASN A 19 -42.87 -9.13 29.82
C ASN A 19 -41.62 -9.33 28.95
N GLN A 20 -40.44 -9.22 29.56
CA GLN A 20 -39.20 -9.28 28.81
C GLN A 20 -38.70 -10.70 28.63
N CYS A 21 -39.38 -11.67 29.26
CA CYS A 21 -39.16 -13.11 29.00
C CYS A 21 -37.74 -13.59 29.35
N LEU A 22 -36.86 -12.70 29.81
CA LEU A 22 -35.47 -13.05 30.13
C LEU A 22 -34.75 -13.60 28.90
N LYS A 23 -35.16 -13.13 27.72
CA LYS A 23 -34.62 -13.61 26.44
C LYS A 23 -33.18 -13.14 26.18
N ASN A 24 -32.53 -12.57 27.19
CA ASN A 24 -31.13 -12.10 27.09
C ASN A 24 -31.00 -10.87 26.19
N SER A 25 -31.43 -11.01 24.93
CA SER A 25 -31.27 -10.00 23.90
C SER A 25 -29.84 -9.97 23.39
N PRO A 26 -29.50 -10.92 22.50
CA PRO A 26 -28.22 -10.95 21.82
C PRO A 26 -28.28 -10.15 20.53
N ASP A 27 -29.45 -9.58 20.28
CA ASP A 27 -29.68 -8.75 19.13
C ASP A 27 -29.04 -7.39 19.33
N GLU A 28 -29.47 -6.69 20.38
CA GLU A 28 -28.86 -5.43 20.82
C GLU A 28 -28.71 -4.43 19.66
N LYS A 29 -29.72 -4.33 18.81
CA LYS A 29 -29.67 -3.38 17.69
C LYS A 29 -29.68 -1.95 18.22
N PHE A 30 -30.46 -1.73 19.29
CA PHE A 30 -30.64 -0.42 19.93
C PHE A 30 -31.48 0.51 19.03
N PHE A 31 -31.18 0.52 17.74
CA PHE A 31 -31.98 1.24 16.78
C PHE A 31 -33.17 0.39 16.36
N SER A 32 -33.10 -0.88 16.76
CA SER A 32 -34.21 -1.83 16.65
C SER A 32 -34.95 -1.74 15.31
N ASP A 33 -34.19 -1.70 14.21
CA ASP A 33 -34.74 -1.76 12.86
C ASP A 33 -35.60 -0.53 12.53
N PHE A 34 -35.45 0.51 13.34
CA PHE A 34 -36.15 1.75 13.09
C PHE A 34 -35.44 2.53 12.01
N SER A 35 -34.14 2.69 12.19
CA SER A 35 -33.30 3.33 11.20
C SER A 35 -32.12 2.41 10.86
N ASN A 36 -31.96 1.37 11.69
CA ASN A 36 -30.86 0.41 11.56
C ASN A 36 -29.51 1.07 11.80
N ASN A 37 -29.03 1.85 10.81
CA ASN A 37 -27.77 2.60 10.91
C ASN A 37 -26.56 1.69 11.01
N MET A 38 -26.80 0.37 10.98
CA MET A 38 -25.74 -0.62 11.20
C MET A 38 -25.14 -0.42 12.59
N GLY A 39 -25.89 0.22 13.48
CA GLY A 39 -25.37 0.60 14.76
C GLY A 39 -24.64 1.92 14.68
N SER A 40 -23.34 1.87 14.83
CA SER A 40 -22.49 3.05 14.71
C SER A 40 -21.03 2.64 14.72
N ARG A 41 -20.45 2.56 13.55
CA ARG A 41 -19.05 2.16 13.43
C ARG A 41 -18.16 3.34 13.78
N LYS A 42 -17.29 3.13 14.75
CA LYS A 42 -16.48 4.23 15.31
C LYS A 42 -15.24 4.49 14.45
N ASN A 43 -15.43 4.48 13.13
CA ASN A 43 -14.33 4.66 12.17
C ASN A 43 -13.23 3.64 12.35
N PRO A 44 -13.42 2.45 11.77
CA PRO A 44 -12.44 1.36 11.83
C PRO A 44 -11.30 1.56 10.82
N ASP A 45 -10.17 2.05 11.30
CA ASP A 45 -9.07 2.42 10.41
C ASP A 45 -7.94 1.38 10.43
N PRO A 46 -7.28 1.13 11.58
CA PRO A 46 -6.07 0.30 11.63
C PRO A 46 -6.35 -1.20 11.48
N LEU A 47 -7.59 -1.56 11.20
CA LEU A 47 -7.94 -2.95 11.02
C LEU A 47 -8.54 -3.18 9.63
N ALA A 48 -8.50 -2.14 8.81
CA ALA A 48 -9.06 -2.21 7.47
C ALA A 48 -7.96 -2.48 6.47
N THR A 49 -7.10 -3.44 6.80
CA THR A 49 -5.94 -3.78 6.01
C THR A 49 -4.87 -2.68 6.11
N GLU A 50 -5.13 -1.71 6.98
CA GLU A 50 -4.16 -0.67 7.38
C GLU A 50 -3.94 0.33 6.27
N GLU A 51 -3.28 -0.10 5.20
CA GLU A 51 -2.96 0.75 4.07
C GLU A 51 -4.22 1.13 3.32
N VAL A 52 -5.08 0.14 3.12
CA VAL A 52 -6.25 0.27 2.28
C VAL A 52 -5.84 0.67 0.87
N PRO A 53 -5.37 -0.31 0.07
CA PRO A 53 -4.87 -0.06 -1.28
C PRO A 53 -5.97 0.43 -2.21
N ASN A 54 -5.96 1.74 -2.46
CA ASN A 54 -6.90 2.39 -3.35
C ASN A 54 -8.32 2.33 -2.78
N GLN A 55 -8.68 3.34 -1.99
CA GLN A 55 -10.01 3.42 -1.43
C GLN A 55 -11.04 3.51 -2.54
N GLU A 56 -10.73 4.31 -3.55
CA GLU A 56 -11.59 4.47 -4.70
C GLU A 56 -10.81 4.17 -5.99
N GLN A 57 -11.39 4.48 -7.13
CA GLN A 57 -10.76 4.19 -8.41
C GLN A 57 -9.52 5.04 -8.62
N ILE A 58 -8.36 4.44 -8.45
CA ILE A 58 -7.10 5.10 -8.71
C ILE A 58 -6.31 4.31 -9.74
N PRO A 59 -6.47 4.66 -11.02
CA PRO A 59 -5.81 3.97 -12.13
C PRO A 59 -4.40 4.46 -12.37
N GLU A 60 -3.99 5.48 -11.60
CA GLU A 60 -2.66 6.09 -11.68
C GLU A 60 -2.43 6.73 -13.05
N GLU A 61 -3.54 6.93 -13.79
CA GLU A 61 -3.52 7.52 -15.13
C GLU A 61 -2.81 6.62 -16.14
N GLY A 62 -1.51 6.41 -15.94
CA GLY A 62 -0.77 5.57 -16.86
C GLY A 62 0.43 6.28 -17.46
N PHE A 63 0.90 7.32 -16.79
CA PHE A 63 2.10 8.04 -17.23
C PHE A 63 3.33 7.53 -16.50
N ILE A 64 3.25 6.29 -16.03
CA ILE A 64 4.31 5.68 -15.26
C ILE A 64 5.58 5.53 -16.09
N HIS A 65 6.47 6.50 -15.94
CA HIS A 65 7.71 6.52 -16.68
C HIS A 65 8.73 5.61 -16.01
N THR A 66 9.29 4.67 -16.77
CA THR A 66 10.22 3.69 -16.22
C THR A 66 10.72 2.70 -17.27
N GLN A 67 9.92 2.47 -18.31
CA GLN A 67 10.30 1.52 -19.37
C GLN A 67 11.57 1.99 -20.09
N TYR A 68 11.77 3.30 -20.14
CA TYR A 68 13.01 3.86 -20.63
C TYR A 68 13.67 4.66 -19.51
N GLY A 69 12.95 4.78 -18.40
CA GLY A 69 13.44 5.52 -17.26
C GLY A 69 14.48 4.75 -16.48
N GLN A 70 14.29 3.45 -16.41
CA GLN A 70 15.22 2.57 -15.72
C GLN A 70 15.86 1.60 -16.69
N LYS A 71 17.02 1.98 -17.21
CA LYS A 71 17.75 1.14 -18.14
C LYS A 71 19.10 0.72 -17.55
N PRO A 72 19.16 -0.45 -16.93
CA PRO A 72 20.38 -0.96 -16.30
C PRO A 72 21.34 -1.56 -17.33
N GLU A 73 20.95 -1.49 -18.59
CA GLU A 73 21.73 -2.07 -19.66
C GLU A 73 22.72 -1.05 -20.21
N GLN A 74 23.83 -0.88 -19.51
CA GLN A 74 24.91 -0.01 -19.97
C GLN A 74 25.73 -0.68 -21.09
N PRO A 75 26.24 -1.92 -20.87
CA PRO A 75 27.12 -2.58 -21.84
C PRO A 75 26.34 -3.29 -22.96
N SER A 76 25.39 -2.57 -23.55
CA SER A 76 24.57 -3.11 -24.63
C SER A 76 25.45 -3.60 -25.79
N GLY A 77 26.38 -2.76 -26.21
CA GLY A 77 27.33 -3.15 -27.25
C GLY A 77 28.75 -2.97 -26.79
N ALA A 78 29.22 -3.91 -25.98
CA ALA A 78 30.54 -3.79 -25.36
C ALA A 78 31.66 -4.21 -26.29
N SER A 79 32.06 -3.31 -27.17
CA SER A 79 33.25 -3.48 -28.02
C SER A 79 33.13 -4.69 -28.96
N ALA A 80 34.24 -5.05 -29.60
CA ALA A 80 34.29 -6.20 -30.51
C ALA A 80 35.72 -6.50 -30.90
N GLY A 81 36.23 -5.77 -31.89
CA GLY A 81 37.55 -6.06 -32.42
C GLY A 81 38.69 -5.46 -31.61
N HIS A 82 38.49 -5.30 -30.30
CA HIS A 82 39.56 -4.86 -29.39
C HIS A 82 40.21 -3.54 -29.82
N ARG A 83 39.40 -2.61 -30.31
CA ARG A 83 39.89 -1.31 -30.79
C ARG A 83 40.25 -0.36 -29.63
N PHE A 84 40.63 -0.95 -28.49
CA PHE A 84 41.01 -0.19 -27.29
C PHE A 84 40.00 0.91 -26.92
N PRO A 85 38.67 0.66 -27.04
CA PRO A 85 37.68 1.72 -26.85
C PRO A 85 37.30 1.91 -25.39
N GLN A 86 37.84 1.07 -24.52
CA GLN A 86 37.60 1.20 -23.08
C GLN A 86 38.82 1.81 -22.41
N GLY A 87 39.98 1.54 -22.98
CA GLY A 87 41.23 1.78 -22.30
C GLY A 87 41.79 0.48 -21.79
N TYR A 88 41.95 -0.46 -22.72
CA TYR A 88 42.30 -1.85 -22.42
C TYR A 88 43.48 -1.96 -21.45
N HIS A 89 44.60 -1.39 -21.82
CA HIS A 89 45.76 -1.35 -20.95
C HIS A 89 45.93 0.03 -20.34
N SER A 90 46.11 1.02 -21.22
CA SER A 90 46.38 2.40 -20.81
C SER A 90 47.73 2.50 -20.12
N ASP A 91 47.79 2.07 -18.85
CA ASP A 91 49.03 2.03 -18.07
C ASP A 91 49.72 3.38 -18.04
N LYS A 92 48.91 4.43 -17.87
CA LYS A 92 49.46 5.78 -17.86
C LYS A 92 49.91 6.17 -16.46
N ARG A 93 49.29 5.57 -15.44
CA ARG A 93 49.68 5.80 -14.07
C ARG A 93 50.33 4.54 -13.49
N ARG A 94 51.50 4.21 -14.00
CA ARG A 94 52.28 3.11 -13.49
C ARG A 94 53.53 3.65 -12.82
N LEU A 95 54.51 2.77 -12.59
CA LEU A 95 55.80 3.14 -11.99
C LEU A 95 55.61 3.61 -10.54
N SER A 96 54.39 3.42 -10.02
CA SER A 96 54.03 3.86 -8.69
C SER A 96 54.16 5.38 -8.55
N LYS A 97 54.20 6.08 -9.67
CA LYS A 97 54.38 7.52 -9.68
C LYS A 97 53.05 8.23 -9.87
N ALA A 98 51.96 7.50 -9.65
CA ALA A 98 50.63 8.04 -9.80
C ALA A 98 50.32 9.01 -8.67
N SER A 99 50.56 10.30 -8.94
CA SER A 99 50.32 11.37 -7.95
C SER A 99 51.11 11.13 -6.67
N SER A 100 52.42 11.28 -6.74
CA SER A 100 53.28 11.07 -5.58
C SER A 100 53.31 12.33 -4.70
N LYS A 101 52.65 12.23 -3.55
CA LYS A 101 52.58 13.36 -2.62
C LYS A 101 53.89 13.47 -1.85
N ALA A 102 54.42 12.33 -1.44
CA ALA A 102 55.65 12.27 -0.65
C ALA A 102 56.77 13.06 -1.33
N ARG A 103 57.13 14.19 -0.73
CA ARG A 103 58.13 15.09 -1.31
C ARG A 103 59.52 14.56 -1.00
N SER A 104 59.60 13.68 0.00
CA SER A 104 60.87 13.27 0.57
C SER A 104 61.54 14.49 1.19
N ASP A 105 60.69 15.33 1.79
CA ASP A 105 61.11 16.58 2.38
C ASP A 105 61.61 16.39 3.81
N ASP A 106 62.47 17.28 4.25
CA ASP A 106 63.08 17.18 5.57
C ASP A 106 62.17 17.77 6.63
N LEU A 107 61.84 19.05 6.48
CA LEU A 107 60.97 19.74 7.44
C LEU A 107 60.43 21.05 6.87
N SER A 108 60.42 21.15 5.54
CA SER A 108 60.04 22.38 4.88
C SER A 108 58.51 22.49 4.79
N VAL A 109 57.88 21.40 4.37
CA VAL A 109 56.43 21.37 4.26
C VAL A 109 55.86 20.42 5.31
N GLY A 1 -31.13 -0.99 -3.99
CA GLY A 1 -32.35 -0.66 -4.77
C GLY A 1 -32.63 0.83 -4.77
N PRO A 2 -32.98 1.41 -5.93
CA PRO A 2 -33.15 2.86 -6.08
C PRO A 2 -34.38 3.39 -5.35
N LEU A 3 -35.23 2.49 -4.91
CA LEU A 3 -36.47 2.87 -4.24
C LEU A 3 -36.25 3.03 -2.74
N GLY A 4 -35.15 2.48 -2.24
CA GLY A 4 -34.87 2.55 -0.82
C GLY A 4 -35.45 1.36 -0.08
N SER A 5 -35.25 0.18 -0.65
CA SER A 5 -35.76 -1.08 -0.09
C SER A 5 -37.26 -1.01 0.20
N THR A 6 -38.06 -1.27 -0.82
CA THR A 6 -39.51 -1.25 -0.69
C THR A 6 -40.04 -2.63 -0.33
N SER A 7 -39.45 -3.65 -0.93
CA SER A 7 -39.86 -5.02 -0.68
C SER A 7 -39.24 -5.53 0.61
N LEU A 8 -40.03 -5.51 1.68
CA LEU A 8 -39.56 -5.96 2.98
C LEU A 8 -40.51 -7.01 3.54
N VAL A 9 -41.82 -6.79 3.37
CA VAL A 9 -42.81 -7.73 3.88
C VAL A 9 -42.96 -8.95 2.98
N GLN A 10 -42.06 -9.90 3.16
CA GLN A 10 -42.09 -11.16 2.40
C GLN A 10 -42.99 -12.17 3.08
N GLY A 11 -43.15 -12.02 4.40
CA GLY A 11 -44.01 -12.92 5.14
C GLY A 11 -44.45 -12.33 6.46
N LEU A 12 -44.01 -12.92 7.55
CA LEU A 12 -44.38 -12.48 8.87
C LEU A 12 -43.14 -12.51 9.76
N THR A 13 -42.07 -11.96 9.21
CA THR A 13 -40.73 -12.09 9.80
C THR A 13 -40.25 -13.54 9.64
N PRO A 14 -39.68 -13.84 8.46
CA PRO A 14 -39.19 -15.19 8.12
C PRO A 14 -38.23 -15.78 9.17
N PRO A 15 -37.18 -15.05 9.60
CA PRO A 15 -36.32 -15.48 10.68
C PRO A 15 -36.54 -14.71 11.99
N PRO A 16 -37.61 -15.03 12.75
CA PRO A 16 -37.87 -14.42 14.04
C PRO A 16 -36.99 -15.01 15.16
N ASP A 17 -35.81 -15.46 14.79
CA ASP A 17 -34.87 -16.04 15.75
C ASP A 17 -34.33 -14.97 16.67
N PHE A 18 -33.66 -13.97 16.07
CA PHE A 18 -33.06 -12.88 16.82
C PHE A 18 -31.97 -13.40 17.76
N ASN A 19 -31.42 -14.55 17.39
CA ASN A 19 -30.40 -15.22 18.19
C ASN A 19 -29.02 -14.60 17.94
N GLN A 20 -28.86 -14.01 16.77
CA GLN A 20 -27.60 -13.37 16.41
C GLN A 20 -27.77 -11.85 16.41
N CYS A 21 -27.46 -11.24 17.54
CA CYS A 21 -27.59 -9.79 17.70
C CYS A 21 -26.39 -9.06 17.06
N LEU A 22 -26.05 -9.47 15.85
CA LEU A 22 -24.95 -8.85 15.08
C LEU A 22 -23.62 -8.95 15.82
N LYS A 23 -23.53 -9.87 16.78
CA LYS A 23 -22.31 -10.01 17.56
C LYS A 23 -21.37 -11.04 16.95
N ASN A 24 -21.32 -11.06 15.62
CA ASN A 24 -20.50 -12.03 14.91
C ASN A 24 -19.03 -11.62 14.96
N SER A 25 -18.73 -10.81 15.96
CA SER A 25 -17.39 -10.29 16.22
C SER A 25 -16.71 -9.79 14.94
N PRO A 26 -17.26 -8.76 14.29
CA PRO A 26 -16.65 -8.16 13.10
C PRO A 26 -15.36 -7.43 13.44
N ASP A 27 -15.41 -6.65 14.52
CA ASP A 27 -14.23 -5.95 15.00
C ASP A 27 -14.34 -5.69 16.49
N GLU A 28 -13.41 -6.25 17.24
CA GLU A 28 -13.35 -6.01 18.67
C GLU A 28 -11.90 -5.93 19.13
N LYS A 29 -11.02 -5.51 18.22
CA LYS A 29 -9.62 -5.31 18.55
C LYS A 29 -9.42 -3.95 19.21
N PHE A 30 -10.45 -3.11 19.12
CA PHE A 30 -10.44 -1.74 19.65
C PHE A 30 -9.54 -0.83 18.80
N PHE A 31 -8.39 -1.35 18.41
CA PHE A 31 -7.43 -0.60 17.60
C PHE A 31 -7.79 -0.63 16.12
N SER A 32 -8.88 -1.33 15.78
CA SER A 32 -9.35 -1.47 14.40
C SER A 32 -8.42 -2.41 13.61
N ASP A 33 -7.12 -2.23 13.79
CA ASP A 33 -6.11 -3.17 13.30
C ASP A 33 -4.75 -2.78 13.86
N PHE A 34 -4.19 -1.69 13.31
CA PHE A 34 -2.85 -1.24 13.63
C PHE A 34 -1.87 -2.41 13.68
N SER A 35 -1.43 -2.84 12.52
CA SER A 35 -0.43 -3.92 12.42
C SER A 35 0.86 -3.51 13.12
N ASN A 36 0.95 -2.22 13.41
CA ASN A 36 2.06 -1.67 14.16
C ASN A 36 1.94 -2.04 15.63
N ASN A 37 0.70 -2.27 16.06
CA ASN A 37 0.36 -2.62 17.45
C ASN A 37 1.11 -1.78 18.49
N MET A 38 1.52 -0.58 18.08
CA MET A 38 2.27 0.33 18.95
C MET A 38 1.34 1.16 19.82
N GLY A 39 0.18 0.60 20.15
CA GLY A 39 -0.77 1.30 20.99
C GLY A 39 -1.40 2.49 20.30
N SER A 40 -1.55 2.39 18.98
CA SER A 40 -2.15 3.44 18.16
C SER A 40 -1.24 4.65 17.98
N ARG A 41 -0.69 5.13 19.09
CA ARG A 41 0.04 6.39 19.15
C ARG A 41 -0.93 7.57 19.11
N LYS A 42 -2.20 7.26 19.32
CA LYS A 42 -3.27 8.25 19.53
C LYS A 42 -3.55 9.04 18.25
N ASN A 43 -3.32 8.39 17.10
CA ASN A 43 -3.55 9.00 15.79
C ASN A 43 -2.77 10.30 15.62
N PRO A 44 -1.50 10.19 15.19
CA PRO A 44 -0.62 11.35 14.99
C PRO A 44 -0.91 12.07 13.68
N ASP A 45 -2.18 12.41 13.47
CA ASP A 45 -2.68 13.08 12.25
C ASP A 45 -2.72 12.10 11.09
N PRO A 46 -3.75 12.19 10.23
CA PRO A 46 -3.89 11.34 9.06
C PRO A 46 -3.16 11.91 7.85
N LEU A 47 -1.99 12.50 8.13
CA LEU A 47 -1.13 13.10 7.12
C LEU A 47 -1.76 14.37 6.55
N ALA A 48 -2.82 14.18 5.77
CA ALA A 48 -3.58 15.27 5.18
C ALA A 48 -4.79 14.71 4.45
N THR A 49 -4.54 14.06 3.32
CA THR A 49 -5.60 13.42 2.54
C THR A 49 -5.14 12.04 2.12
N GLU A 50 -3.99 12.00 1.44
CA GLU A 50 -3.34 10.76 1.03
C GLU A 50 -4.21 9.95 0.08
N GLU A 51 -4.33 10.46 -1.14
CA GLU A 51 -4.89 9.73 -2.25
C GLU A 51 -4.38 10.35 -3.54
N VAL A 52 -3.07 10.38 -3.66
CA VAL A 52 -2.45 11.02 -4.81
C VAL A 52 -1.75 9.98 -5.69
N PRO A 53 -2.53 9.23 -6.49
CA PRO A 53 -1.97 8.39 -7.54
C PRO A 53 -1.84 9.20 -8.83
N ASN A 54 -2.78 10.12 -9.03
CA ASN A 54 -2.73 11.05 -10.14
C ASN A 54 -3.27 12.40 -9.70
N GLN A 55 -3.48 12.54 -8.38
CA GLN A 55 -4.00 13.75 -7.75
C GLN A 55 -5.45 14.06 -8.16
N GLU A 56 -6.00 13.30 -9.09
CA GLU A 56 -7.34 13.57 -9.60
C GLU A 56 -8.39 12.75 -8.85
N GLN A 57 -8.22 12.63 -7.52
CA GLN A 57 -9.10 11.85 -6.67
C GLN A 57 -9.27 10.40 -7.16
N ILE A 58 -8.39 9.52 -6.69
CA ILE A 58 -8.49 8.10 -7.03
C ILE A 58 -8.28 7.26 -5.77
N PRO A 59 -9.37 6.97 -5.04
CA PRO A 59 -9.32 6.19 -3.81
C PRO A 59 -9.39 4.68 -4.03
N GLU A 60 -9.31 4.25 -5.29
CA GLU A 60 -9.43 2.84 -5.63
C GLU A 60 -8.18 2.08 -5.22
N GLU A 61 -7.07 2.35 -5.93
CA GLU A 61 -5.79 1.69 -5.68
C GLU A 61 -5.87 0.19 -5.99
N GLY A 62 -5.24 -0.22 -7.08
CA GLY A 62 -5.34 -1.60 -7.51
C GLY A 62 -6.37 -1.75 -8.60
N PHE A 63 -6.89 -0.61 -9.01
CA PHE A 63 -7.96 -0.56 -10.01
C PHE A 63 -7.41 -0.83 -11.40
N ILE A 64 -6.13 -1.14 -11.45
CA ILE A 64 -5.47 -1.47 -12.69
C ILE A 64 -5.82 -2.90 -13.12
N HIS A 65 -6.73 -3.50 -12.35
CA HIS A 65 -7.25 -4.86 -12.61
C HIS A 65 -6.23 -5.92 -12.23
N THR A 66 -5.01 -5.46 -11.92
CA THR A 66 -3.92 -6.31 -11.46
C THR A 66 -3.63 -7.48 -12.40
N GLN A 67 -3.89 -7.26 -13.70
CA GLN A 67 -3.58 -8.26 -14.71
C GLN A 67 -2.07 -8.41 -14.86
N TYR A 68 -1.37 -7.39 -14.40
CA TYR A 68 0.09 -7.35 -14.48
C TYR A 68 0.69 -7.87 -13.18
N GLY A 69 -0.09 -7.78 -12.11
CA GLY A 69 0.42 -8.07 -10.79
C GLY A 69 1.38 -7.00 -10.33
N GLN A 70 1.92 -7.15 -9.12
CA GLN A 70 2.91 -6.21 -8.63
C GLN A 70 4.03 -6.96 -7.91
N LYS A 71 4.28 -8.18 -8.37
CA LYS A 71 5.37 -8.99 -7.84
C LYS A 71 6.35 -9.56 -8.90
N PRO A 72 6.32 -9.15 -10.21
CA PRO A 72 7.22 -9.69 -11.22
C PRO A 72 8.45 -8.81 -11.44
N GLU A 73 8.82 -8.08 -10.40
CA GLU A 73 9.92 -7.11 -10.47
C GLU A 73 11.26 -7.78 -10.78
N GLN A 74 11.69 -8.66 -9.88
CA GLN A 74 13.00 -9.28 -9.96
C GLN A 74 14.10 -8.21 -9.93
N PRO A 75 14.54 -7.81 -8.73
CA PRO A 75 15.58 -6.78 -8.56
C PRO A 75 16.95 -7.24 -9.05
N SER A 76 16.99 -8.43 -9.63
CA SER A 76 18.22 -8.96 -10.18
C SER A 76 18.12 -9.05 -11.72
N GLY A 77 17.01 -8.55 -12.26
CA GLY A 77 16.80 -8.59 -13.69
C GLY A 77 16.41 -9.98 -14.18
N ALA A 78 17.40 -10.80 -14.49
CA ALA A 78 17.17 -12.14 -14.99
C ALA A 78 18.32 -13.07 -14.59
N SER A 79 17.99 -14.23 -14.03
CA SER A 79 19.00 -15.18 -13.58
C SER A 79 19.52 -16.03 -14.74
N ALA A 80 19.61 -15.41 -15.92
CA ALA A 80 20.13 -16.09 -17.11
C ALA A 80 21.57 -15.67 -17.35
N GLY A 81 22.24 -15.28 -16.28
CA GLY A 81 23.57 -14.73 -16.39
C GLY A 81 23.54 -13.22 -16.33
N HIS A 82 22.32 -12.69 -16.15
CA HIS A 82 22.04 -11.25 -16.14
C HIS A 82 22.22 -10.65 -17.54
N ARG A 83 23.43 -10.80 -18.11
CA ARG A 83 23.74 -10.30 -19.45
C ARG A 83 23.64 -8.78 -19.48
N PHE A 84 23.74 -8.21 -20.66
CA PHE A 84 23.58 -6.76 -20.83
C PHE A 84 22.67 -6.41 -22.03
N PRO A 85 21.53 -7.11 -22.23
CA PRO A 85 20.65 -6.84 -23.36
C PRO A 85 19.56 -5.83 -22.99
N GLN A 86 19.60 -5.39 -21.75
CA GLN A 86 18.63 -4.43 -21.25
C GLN A 86 19.30 -3.12 -20.87
N GLY A 87 20.51 -2.91 -21.40
CA GLY A 87 21.24 -1.69 -21.14
C GLY A 87 21.92 -1.67 -19.78
N TYR A 88 21.31 -2.38 -18.83
CA TYR A 88 21.79 -2.45 -17.45
C TYR A 88 21.66 -1.09 -16.78
N HIS A 89 20.55 -0.87 -16.10
CA HIS A 89 20.29 0.40 -15.46
C HIS A 89 21.21 0.59 -14.26
N SER A 90 22.35 1.23 -14.51
CA SER A 90 23.37 1.42 -13.50
C SER A 90 23.28 2.81 -12.89
N ASP A 91 22.29 3.59 -13.35
CA ASP A 91 22.01 4.92 -12.80
C ASP A 91 23.02 5.97 -13.26
N LYS A 92 24.30 5.61 -13.20
CA LYS A 92 25.40 6.48 -13.61
C LYS A 92 25.54 7.64 -12.65
N ARG A 93 26.06 7.36 -11.45
CA ARG A 93 26.27 8.40 -10.45
C ARG A 93 27.73 8.84 -10.45
N ARG A 94 27.93 10.15 -10.41
CA ARG A 94 29.26 10.74 -10.51
C ARG A 94 29.64 11.43 -9.21
N LEU A 95 30.74 11.00 -8.61
CA LEU A 95 31.17 11.51 -7.31
C LEU A 95 31.99 12.79 -7.45
N SER A 96 32.92 12.79 -8.41
CA SER A 96 33.74 13.97 -8.72
C SER A 96 34.66 14.35 -7.57
N LYS A 97 34.83 13.46 -6.61
CA LYS A 97 35.59 13.74 -5.39
C LYS A 97 37.10 13.65 -5.63
N ALA A 98 37.50 12.92 -6.66
CA ALA A 98 38.92 12.72 -6.94
C ALA A 98 39.46 13.80 -7.85
N SER A 99 38.57 14.63 -8.36
CA SER A 99 38.94 15.69 -9.27
C SER A 99 39.43 16.91 -8.48
N SER A 100 38.93 17.07 -7.26
CA SER A 100 39.27 18.23 -6.46
C SER A 100 40.55 18.00 -5.66
N LYS A 101 41.10 16.78 -5.76
CA LYS A 101 42.34 16.42 -5.06
C LYS A 101 42.16 16.51 -3.54
N ALA A 102 40.91 16.45 -3.09
CA ALA A 102 40.58 16.63 -1.68
C ALA A 102 41.00 15.41 -0.86
N ARG A 103 41.15 14.26 -1.53
CA ARG A 103 41.55 12.99 -0.88
C ARG A 103 40.44 12.41 0.00
N SER A 104 39.57 13.28 0.51
CA SER A 104 38.50 12.90 1.44
C SER A 104 39.08 12.63 2.84
N ASP A 105 40.34 13.01 3.03
CA ASP A 105 41.00 12.90 4.32
C ASP A 105 41.21 14.29 4.91
N ASP A 106 42.16 14.41 5.83
CA ASP A 106 42.51 15.72 6.40
C ASP A 106 43.75 16.27 5.71
N LEU A 107 44.09 15.68 4.56
CA LEU A 107 45.18 16.15 3.71
C LEU A 107 46.55 15.92 4.32
N SER A 108 46.63 15.06 5.33
CA SER A 108 47.92 14.73 5.94
C SER A 108 48.42 13.39 5.41
N VAL A 109 47.75 12.87 4.39
CA VAL A 109 48.12 11.60 3.79
C VAL A 109 48.77 11.83 2.43
N GLY A 1 -38.62 -1.80 49.75
CA GLY A 1 -37.38 -1.41 49.03
C GLY A 1 -36.73 -0.20 49.67
N PRO A 2 -35.45 -0.30 50.07
CA PRO A 2 -34.76 0.76 50.81
C PRO A 2 -34.18 1.85 49.91
N LEU A 3 -34.49 1.79 48.61
CA LEU A 3 -33.95 2.76 47.67
C LEU A 3 -34.84 2.88 46.45
N GLY A 4 -34.94 1.80 45.70
CA GLY A 4 -35.74 1.79 44.50
C GLY A 4 -36.41 0.48 44.29
N SER A 5 -37.70 0.51 44.02
CA SER A 5 -38.45 -0.69 43.80
C SER A 5 -39.57 -0.43 42.79
N THR A 6 -39.29 -0.75 41.54
CA THR A 6 -40.22 -0.46 40.46
C THR A 6 -40.87 -1.73 39.92
N SER A 7 -42.15 -1.67 39.66
CA SER A 7 -42.86 -2.77 39.04
C SER A 7 -42.40 -2.95 37.60
N LEU A 8 -41.58 -3.98 37.38
CA LEU A 8 -40.99 -4.21 36.08
C LEU A 8 -41.68 -5.37 35.36
N VAL A 9 -42.29 -5.09 34.23
CA VAL A 9 -42.84 -6.12 33.38
C VAL A 9 -41.76 -6.63 32.42
N GLN A 10 -41.13 -7.73 32.79
CA GLN A 10 -39.99 -8.24 32.06
C GLN A 10 -40.43 -9.07 30.86
N GLY A 11 -40.93 -8.40 29.84
CA GLY A 11 -41.36 -9.10 28.64
C GLY A 11 -42.19 -8.21 27.73
N LEU A 12 -41.52 -7.33 26.99
CA LEU A 12 -42.18 -6.43 26.06
C LEU A 12 -41.56 -6.54 24.68
N THR A 13 -40.26 -6.34 24.62
CA THR A 13 -39.50 -6.38 23.38
C THR A 13 -39.10 -7.81 22.95
N PRO A 14 -38.60 -8.67 23.87
CA PRO A 14 -38.24 -10.06 23.55
C PRO A 14 -39.32 -10.85 22.77
N PRO A 15 -40.63 -10.84 23.17
CA PRO A 15 -41.67 -11.66 22.52
C PRO A 15 -41.78 -11.46 20.98
N PRO A 16 -41.99 -10.23 20.46
CA PRO A 16 -42.16 -10.01 19.02
C PRO A 16 -40.89 -10.34 18.23
N ASP A 17 -41.06 -11.19 17.21
CA ASP A 17 -39.97 -11.66 16.35
C ASP A 17 -39.06 -12.62 17.09
N PHE A 18 -38.14 -12.07 17.88
CA PHE A 18 -37.16 -12.85 18.63
C PHE A 18 -36.35 -13.75 17.68
N ASN A 19 -36.24 -13.31 16.44
CA ASN A 19 -35.64 -14.13 15.38
C ASN A 19 -34.11 -13.94 15.33
N GLN A 20 -33.59 -13.07 16.19
CA GLN A 20 -32.15 -12.81 16.20
C GLN A 20 -31.44 -13.66 17.23
N CYS A 21 -30.74 -14.68 16.76
CA CYS A 21 -29.95 -15.54 17.64
C CYS A 21 -28.60 -14.89 17.95
N LEU A 22 -28.55 -13.55 17.91
CA LEU A 22 -27.33 -12.79 18.18
C LEU A 22 -26.22 -13.19 17.21
N LYS A 23 -26.62 -13.50 15.99
CA LYS A 23 -25.69 -13.91 14.94
C LYS A 23 -25.20 -12.72 14.11
N ASN A 24 -25.61 -11.51 14.50
CA ASN A 24 -25.23 -10.27 13.80
C ASN A 24 -25.88 -10.15 12.43
N SER A 25 -25.59 -11.13 11.58
CA SER A 25 -26.06 -11.16 10.18
C SER A 25 -25.39 -10.07 9.35
N PRO A 26 -24.13 -10.29 8.96
CA PRO A 26 -23.40 -9.42 8.05
C PRO A 26 -23.72 -9.74 6.59
N ASP A 27 -23.59 -11.02 6.22
CA ASP A 27 -23.88 -11.45 4.85
C ASP A 27 -24.74 -12.71 4.80
N GLU A 28 -25.17 -13.17 5.97
CA GLU A 28 -26.04 -14.34 6.06
C GLU A 28 -27.49 -13.93 5.80
N LYS A 29 -27.64 -12.84 5.08
CA LYS A 29 -28.95 -12.25 4.81
C LYS A 29 -29.80 -13.09 3.84
N PHE A 30 -29.15 -14.04 3.19
CA PHE A 30 -29.81 -14.97 2.24
C PHE A 30 -30.05 -14.28 0.90
N PHE A 31 -30.68 -13.12 0.95
CA PHE A 31 -30.84 -12.28 -0.24
C PHE A 31 -30.16 -10.98 0.08
N SER A 32 -30.79 -10.28 0.98
CA SER A 32 -30.20 -9.19 1.72
C SER A 32 -31.28 -8.61 2.58
N ASP A 33 -32.00 -7.62 2.05
CA ASP A 33 -33.25 -7.12 2.66
C ASP A 33 -33.00 -6.39 3.98
N PHE A 34 -32.21 -7.01 4.84
CA PHE A 34 -31.82 -6.47 6.13
C PHE A 34 -31.29 -5.04 5.98
N SER A 35 -30.51 -4.83 4.92
CA SER A 35 -30.16 -3.51 4.44
C SER A 35 -30.70 -3.41 3.02
N ASN A 36 -32.02 -3.21 2.95
CA ASN A 36 -32.81 -3.26 1.72
C ASN A 36 -32.07 -2.75 0.48
N ASN A 37 -31.53 -3.70 -0.26
CA ASN A 37 -31.04 -3.48 -1.61
C ASN A 37 -31.54 -4.64 -2.47
N MET A 38 -31.93 -5.72 -1.78
CA MET A 38 -32.60 -6.87 -2.38
C MET A 38 -31.68 -7.70 -3.26
N GLY A 39 -31.41 -7.22 -4.46
CA GLY A 39 -30.64 -7.98 -5.42
C GLY A 39 -30.06 -7.12 -6.51
N SER A 40 -28.89 -6.60 -6.25
CA SER A 40 -28.13 -5.85 -7.20
C SER A 40 -26.68 -6.24 -7.02
N ARG A 41 -25.78 -5.35 -7.29
CA ARG A 41 -24.37 -5.63 -7.08
C ARG A 41 -23.86 -4.71 -5.99
N LYS A 42 -24.83 -4.09 -5.30
CA LYS A 42 -24.56 -3.07 -4.30
C LYS A 42 -23.94 -1.85 -4.95
N ASN A 43 -23.55 -0.90 -4.13
CA ASN A 43 -22.85 0.29 -4.63
C ASN A 43 -21.42 0.26 -4.16
N PRO A 44 -20.51 -0.15 -5.04
CA PRO A 44 -19.09 -0.12 -4.75
C PRO A 44 -18.52 1.27 -4.98
N ASP A 45 -17.26 1.35 -5.34
CA ASP A 45 -16.67 2.65 -5.64
C ASP A 45 -15.93 2.61 -6.97
N PRO A 46 -16.64 2.89 -8.08
CA PRO A 46 -16.04 2.95 -9.40
C PRO A 46 -15.40 4.32 -9.67
N LEU A 47 -15.62 5.26 -8.76
CA LEU A 47 -15.14 6.62 -8.92
C LEU A 47 -13.65 6.72 -8.60
N ALA A 48 -13.18 5.86 -7.70
CA ALA A 48 -11.78 5.82 -7.34
C ALA A 48 -10.95 5.22 -8.49
N THR A 49 -11.65 4.66 -9.46
CA THR A 49 -11.02 4.05 -10.60
C THR A 49 -11.49 4.72 -11.88
N GLU A 50 -11.06 5.96 -12.07
CA GLU A 50 -11.46 6.73 -13.24
C GLU A 50 -10.44 6.55 -14.37
N GLU A 51 -9.50 5.63 -14.14
CA GLU A 51 -8.40 5.34 -15.07
C GLU A 51 -7.66 6.62 -15.43
N VAL A 52 -6.71 6.98 -14.58
CA VAL A 52 -6.00 8.24 -14.68
C VAL A 52 -4.74 8.12 -15.55
N PRO A 53 -3.77 7.24 -15.20
CA PRO A 53 -2.50 7.12 -15.94
C PRO A 53 -2.66 6.43 -17.30
N ASN A 54 -3.86 5.97 -17.59
CA ASN A 54 -4.13 5.25 -18.84
C ASN A 54 -5.43 5.74 -19.46
N GLN A 55 -5.86 6.94 -19.06
CA GLN A 55 -7.15 7.49 -19.48
C GLN A 55 -7.35 7.40 -20.99
N GLU A 56 -6.42 7.94 -21.76
CA GLU A 56 -6.52 7.88 -23.21
C GLU A 56 -5.23 7.35 -23.80
N GLN A 57 -5.03 6.03 -23.65
CA GLN A 57 -3.85 5.33 -24.19
C GLN A 57 -2.57 5.73 -23.46
N ILE A 58 -2.17 6.99 -23.66
CA ILE A 58 -0.89 7.50 -23.17
C ILE A 58 0.26 6.79 -23.87
N PRO A 59 0.60 7.26 -25.09
CA PRO A 59 1.64 6.65 -25.92
C PRO A 59 3.05 7.05 -25.48
N GLU A 60 3.12 7.99 -24.53
CA GLU A 60 4.38 8.48 -23.96
C GLU A 60 5.14 9.36 -24.95
N GLU A 61 5.24 8.91 -26.20
CA GLU A 61 5.97 9.62 -27.26
C GLU A 61 7.48 9.44 -27.09
N GLY A 62 7.93 9.49 -25.84
CA GLY A 62 9.32 9.24 -25.53
C GLY A 62 10.02 10.49 -25.06
N PHE A 63 9.93 11.52 -25.88
CA PHE A 63 10.48 12.83 -25.56
C PHE A 63 9.55 13.59 -24.62
N ILE A 64 9.12 12.88 -23.56
CA ILE A 64 8.14 13.39 -22.60
C ILE A 64 8.47 14.83 -22.17
N HIS A 65 9.52 15.00 -21.39
CA HIS A 65 9.98 16.33 -21.06
C HIS A 65 11.51 16.43 -21.09
N THR A 66 12.18 15.31 -21.47
CA THR A 66 13.65 15.25 -21.59
C THR A 66 14.39 15.89 -20.40
N GLN A 67 13.74 15.92 -19.24
CA GLN A 67 14.33 16.47 -18.03
C GLN A 67 15.48 15.60 -17.54
N TYR A 68 15.47 14.35 -17.97
CA TYR A 68 16.42 13.37 -17.50
C TYR A 68 17.61 13.25 -18.46
N GLY A 69 17.48 13.92 -19.60
CA GLY A 69 18.50 13.86 -20.62
C GLY A 69 19.66 14.81 -20.36
N GLN A 70 20.18 14.75 -19.15
CA GLN A 70 21.27 15.62 -18.75
C GLN A 70 22.61 15.00 -19.10
N LYS A 71 22.80 13.74 -18.69
CA LYS A 71 24.09 13.06 -18.80
C LYS A 71 25.23 13.95 -18.31
N PRO A 72 25.32 14.14 -16.99
CA PRO A 72 26.31 15.01 -16.36
C PRO A 72 27.66 14.32 -16.17
N GLU A 73 28.03 13.49 -17.12
CA GLU A 73 29.27 12.73 -17.06
C GLU A 73 30.38 13.46 -17.78
N GLN A 74 31.56 13.48 -17.17
CA GLN A 74 32.74 13.97 -17.83
C GLN A 74 33.80 12.87 -17.85
N PRO A 75 33.69 11.93 -18.80
CA PRO A 75 34.61 10.80 -18.91
C PRO A 75 35.97 11.24 -19.43
N SER A 76 35.97 12.18 -20.36
CA SER A 76 37.19 12.66 -20.96
C SER A 76 37.88 13.69 -20.06
N GLY A 77 38.90 13.23 -19.35
CA GLY A 77 39.67 14.09 -18.47
C GLY A 77 41.08 13.58 -18.33
N ALA A 78 41.35 12.89 -17.23
CA ALA A 78 42.60 12.18 -17.06
C ALA A 78 42.54 10.89 -17.86
N SER A 79 41.32 10.34 -17.95
CA SER A 79 41.03 9.20 -18.82
C SER A 79 41.89 7.98 -18.48
N ALA A 80 42.32 7.90 -17.22
CA ALA A 80 43.14 6.78 -16.79
C ALA A 80 42.37 5.95 -15.79
N GLY A 81 42.93 4.81 -15.42
CA GLY A 81 42.28 3.93 -14.47
C GLY A 81 42.34 4.48 -13.06
N HIS A 82 43.26 5.41 -12.84
CA HIS A 82 43.52 5.97 -11.51
C HIS A 82 43.85 4.85 -10.53
N ARG A 83 45.09 4.39 -10.58
CA ARG A 83 45.52 3.28 -9.73
C ARG A 83 46.11 3.81 -8.43
N PHE A 84 46.88 2.97 -7.74
CA PHE A 84 47.44 3.37 -6.45
C PHE A 84 48.98 3.50 -6.45
N PRO A 85 49.65 3.84 -7.59
CA PRO A 85 51.11 3.92 -7.62
C PRO A 85 51.61 5.30 -7.20
N GLN A 86 50.66 6.08 -6.69
CA GLN A 86 50.95 7.42 -6.20
C GLN A 86 50.84 7.44 -4.68
N GLY A 87 50.54 6.28 -4.11
CA GLY A 87 50.25 6.20 -2.69
C GLY A 87 48.76 6.34 -2.43
N TYR A 88 48.08 7.01 -3.38
CA TYR A 88 46.64 7.24 -3.33
C TYR A 88 46.28 8.06 -2.09
N HIS A 89 46.35 9.38 -2.24
CA HIS A 89 46.08 10.29 -1.13
C HIS A 89 44.78 11.03 -1.34
N SER A 90 43.97 10.55 -2.27
CA SER A 90 42.69 11.17 -2.57
C SER A 90 41.54 10.39 -1.94
N ASP A 91 41.54 10.31 -0.61
CA ASP A 91 40.48 9.63 0.12
C ASP A 91 39.37 10.62 0.43
N LYS A 92 38.17 10.29 -0.01
CA LYS A 92 37.06 11.22 0.04
C LYS A 92 35.94 10.68 0.91
N ARG A 93 35.75 11.29 2.07
CA ARG A 93 34.74 10.83 3.01
C ARG A 93 33.58 11.80 3.08
N ARG A 94 32.43 11.37 2.56
CA ARG A 94 31.20 12.15 2.66
C ARG A 94 29.99 11.29 2.28
N LEU A 95 29.97 10.77 1.06
CA LEU A 95 28.84 10.01 0.55
C LEU A 95 28.64 8.71 1.35
N SER A 96 29.74 8.12 1.82
CA SER A 96 29.71 6.92 2.64
C SER A 96 29.16 5.70 1.89
N LYS A 97 27.84 5.64 1.73
CA LYS A 97 27.14 4.53 1.08
C LYS A 97 27.26 3.23 1.89
N ALA A 98 28.47 2.69 1.96
CA ALA A 98 28.75 1.43 2.65
C ALA A 98 27.98 0.26 2.03
N SER A 99 28.55 -0.32 0.99
CA SER A 99 27.92 -1.43 0.29
C SER A 99 28.96 -2.50 -0.06
N SER A 100 28.76 -3.69 0.45
CA SER A 100 29.65 -4.81 0.14
C SER A 100 28.86 -6.09 -0.09
N LYS A 101 28.52 -6.78 1.00
CA LYS A 101 27.76 -8.03 0.97
C LYS A 101 28.54 -9.11 0.20
N ALA A 102 29.85 -8.93 0.10
CA ALA A 102 30.68 -9.85 -0.66
C ALA A 102 31.29 -10.91 0.24
N ARG A 103 31.02 -12.17 -0.10
CA ARG A 103 31.63 -13.29 0.60
C ARG A 103 33.01 -13.57 0.03
N SER A 104 33.86 -14.26 0.81
CA SER A 104 35.19 -14.62 0.36
C SER A 104 35.13 -15.85 -0.56
N ASP A 105 33.94 -16.48 -0.61
CA ASP A 105 33.70 -17.66 -1.44
C ASP A 105 34.60 -18.83 -1.03
N ASP A 106 34.73 -19.78 -1.94
CA ASP A 106 35.47 -21.02 -1.71
C ASP A 106 34.71 -21.92 -0.75
N LEU A 107 34.77 -23.21 -1.04
CA LEU A 107 34.07 -24.22 -0.25
C LEU A 107 34.70 -24.41 1.14
N SER A 108 35.89 -23.86 1.35
CA SER A 108 36.53 -23.92 2.65
C SER A 108 36.66 -22.54 3.26
N VAL A 109 35.69 -22.18 4.09
CA VAL A 109 35.73 -20.90 4.82
C VAL A 109 34.79 -20.96 6.03
N GLY A 1 -65.76 -19.81 45.12
CA GLY A 1 -64.54 -18.97 45.16
C GLY A 1 -63.93 -18.79 43.78
N PRO A 2 -63.09 -17.77 43.60
CA PRO A 2 -62.43 -17.49 42.31
C PRO A 2 -61.40 -18.56 41.96
N LEU A 3 -61.25 -18.83 40.67
CA LEU A 3 -60.31 -19.85 40.22
C LEU A 3 -58.93 -19.23 40.00
N GLY A 4 -58.92 -17.92 39.77
CA GLY A 4 -57.67 -17.24 39.54
C GLY A 4 -57.59 -16.72 38.12
N SER A 5 -58.20 -15.57 37.88
CA SER A 5 -58.24 -15.00 36.55
C SER A 5 -57.11 -13.99 36.38
N THR A 6 -56.50 -13.60 37.50
CA THR A 6 -55.38 -12.68 37.51
C THR A 6 -55.82 -11.32 36.92
N SER A 7 -57.00 -10.87 37.33
CA SER A 7 -57.54 -9.59 36.87
C SER A 7 -56.80 -8.41 37.48
N LEU A 8 -55.85 -8.72 38.37
CA LEU A 8 -54.98 -7.70 38.94
C LEU A 8 -54.10 -7.11 37.85
N VAL A 9 -53.70 -7.96 36.91
CA VAL A 9 -52.84 -7.57 35.79
C VAL A 9 -51.48 -7.06 36.27
N GLN A 10 -50.54 -7.99 36.41
CA GLN A 10 -49.16 -7.61 36.74
C GLN A 10 -48.38 -7.44 35.45
N GLY A 11 -48.63 -8.33 34.50
CA GLY A 11 -47.90 -8.31 33.26
C GLY A 11 -48.71 -7.69 32.14
N LEU A 12 -48.15 -6.68 31.52
CA LEU A 12 -48.81 -5.99 30.42
C LEU A 12 -47.78 -5.35 29.52
N THR A 13 -46.78 -4.71 30.13
CA THR A 13 -45.69 -4.11 29.39
C THR A 13 -44.42 -3.98 30.25
N PRO A 14 -44.50 -3.36 31.46
CA PRO A 14 -43.34 -3.24 32.34
C PRO A 14 -42.58 -4.57 32.54
N PRO A 15 -43.24 -5.66 32.99
CA PRO A 15 -42.63 -6.96 33.06
C PRO A 15 -43.11 -7.90 31.96
N PRO A 16 -42.45 -7.93 30.79
CA PRO A 16 -42.78 -8.84 29.71
C PRO A 16 -41.95 -10.12 29.78
N ASP A 17 -41.56 -10.48 31.01
CA ASP A 17 -40.76 -11.69 31.27
C ASP A 17 -39.36 -11.57 30.70
N PHE A 18 -39.05 -10.38 30.16
CA PHE A 18 -37.73 -10.06 29.59
C PHE A 18 -37.49 -10.82 28.28
N ASN A 19 -37.58 -12.14 28.33
CA ASN A 19 -37.34 -12.97 27.15
C ASN A 19 -38.52 -12.88 26.19
N GLN A 20 -38.47 -11.89 25.31
CA GLN A 20 -39.52 -11.68 24.34
C GLN A 20 -39.24 -12.50 23.09
N CYS A 21 -39.95 -13.62 22.96
CA CYS A 21 -39.81 -14.47 21.78
C CYS A 21 -41.05 -14.38 20.90
N LEU A 22 -42.02 -13.58 21.34
CA LEU A 22 -43.24 -13.37 20.57
C LEU A 22 -42.98 -12.44 19.38
N LYS A 23 -41.71 -12.24 19.08
CA LYS A 23 -41.28 -11.37 18.02
C LYS A 23 -41.27 -12.10 16.68
N ASN A 24 -41.56 -13.41 16.73
CA ASN A 24 -41.63 -14.26 15.54
C ASN A 24 -40.25 -14.48 14.90
N SER A 25 -39.60 -13.39 14.52
CA SER A 25 -38.37 -13.43 13.73
C SER A 25 -38.64 -14.05 12.37
N PRO A 26 -39.22 -13.26 11.45
CA PRO A 26 -39.56 -13.72 10.10
C PRO A 26 -38.33 -14.25 9.36
N ASP A 27 -37.38 -13.38 9.10
CA ASP A 27 -36.12 -13.79 8.50
C ASP A 27 -35.10 -14.01 9.59
N GLU A 28 -34.98 -13.00 10.46
CA GLU A 28 -34.03 -13.01 11.57
C GLU A 28 -32.61 -13.25 11.05
N LYS A 29 -32.18 -12.34 10.20
CA LYS A 29 -30.82 -12.37 9.67
C LYS A 29 -30.17 -11.02 9.88
N PHE A 30 -30.93 -10.11 10.47
CA PHE A 30 -30.57 -8.70 10.53
C PHE A 30 -30.38 -8.16 9.11
N PHE A 31 -29.19 -8.34 8.56
CA PHE A 31 -28.95 -8.00 7.17
C PHE A 31 -28.46 -9.21 6.40
N SER A 32 -27.76 -10.11 7.12
CA SER A 32 -27.08 -11.28 6.54
C SER A 32 -25.90 -10.84 5.67
N ASP A 33 -26.12 -9.74 4.94
CA ASP A 33 -25.10 -9.09 4.16
C ASP A 33 -24.13 -8.35 5.09
N PHE A 34 -24.63 -8.06 6.29
CA PHE A 34 -23.86 -7.50 7.41
C PHE A 34 -23.03 -6.26 7.03
N SER A 35 -21.79 -6.48 6.61
CA SER A 35 -20.87 -5.38 6.38
C SER A 35 -21.26 -4.58 5.13
N ASN A 36 -21.65 -5.29 4.08
CA ASN A 36 -22.15 -4.63 2.88
C ASN A 36 -23.55 -4.11 3.16
N ASN A 37 -24.25 -4.81 4.05
CA ASN A 37 -25.50 -4.32 4.65
C ASN A 37 -26.64 -4.25 3.64
N MET A 38 -26.35 -4.64 2.38
CA MET A 38 -27.31 -4.57 1.26
C MET A 38 -28.08 -3.24 1.23
N GLY A 39 -27.41 -2.18 1.68
CA GLY A 39 -28.04 -0.86 1.76
C GLY A 39 -28.59 -0.38 0.43
N SER A 40 -27.91 -0.81 -0.64
CA SER A 40 -28.26 -0.43 -2.00
C SER A 40 -27.95 1.03 -2.29
N ARG A 41 -27.25 1.25 -3.37
CA ARG A 41 -26.91 2.60 -3.78
C ARG A 41 -27.90 3.11 -4.81
N LYS A 42 -28.88 2.26 -5.13
CA LYS A 42 -29.86 2.53 -6.18
C LYS A 42 -29.17 2.84 -7.50
N ASN A 43 -29.02 4.12 -7.79
CA ASN A 43 -28.36 4.60 -8.97
C ASN A 43 -27.73 5.94 -8.68
N PRO A 44 -26.43 5.95 -8.37
CA PRO A 44 -25.71 7.19 -8.10
C PRO A 44 -25.37 7.92 -9.38
N ASP A 45 -24.27 8.64 -9.35
CA ASP A 45 -23.81 9.37 -10.52
C ASP A 45 -23.19 8.39 -11.51
N PRO A 46 -23.60 8.48 -12.79
CA PRO A 46 -23.02 7.66 -13.85
C PRO A 46 -21.61 8.11 -14.20
N LEU A 47 -21.20 9.22 -13.57
CA LEU A 47 -19.90 9.84 -13.79
C LEU A 47 -19.79 10.42 -15.19
N ALA A 48 -19.69 9.53 -16.18
CA ALA A 48 -19.61 9.91 -17.60
C ALA A 48 -18.27 10.55 -17.92
N THR A 49 -17.48 10.79 -16.89
CA THR A 49 -16.14 11.30 -17.02
C THR A 49 -15.16 10.17 -17.29
N GLU A 50 -15.29 9.09 -16.51
CA GLU A 50 -14.39 7.95 -16.58
C GLU A 50 -12.96 8.37 -16.30
N GLU A 51 -12.84 9.47 -15.54
CA GLU A 51 -11.56 10.09 -15.18
C GLU A 51 -10.88 10.74 -16.37
N VAL A 52 -10.68 9.96 -17.42
CA VAL A 52 -9.95 10.37 -18.62
C VAL A 52 -8.71 11.22 -18.28
N PRO A 53 -7.74 10.64 -17.55
CA PRO A 53 -6.54 11.35 -17.11
C PRO A 53 -5.67 11.76 -18.29
N ASN A 54 -5.18 10.78 -19.01
CA ASN A 54 -4.43 11.02 -20.23
C ASN A 54 -5.13 10.35 -21.40
N GLN A 55 -6.44 10.60 -21.48
CA GLN A 55 -7.26 10.08 -22.57
C GLN A 55 -7.36 8.56 -22.53
N GLU A 56 -7.34 7.92 -23.69
CA GLU A 56 -7.62 6.50 -23.78
C GLU A 56 -6.39 5.65 -23.52
N GLN A 57 -6.24 5.21 -22.28
CA GLN A 57 -5.19 4.28 -21.86
C GLN A 57 -3.83 4.63 -22.45
N ILE A 58 -3.26 5.74 -22.01
CA ILE A 58 -1.92 6.12 -22.42
C ILE A 58 -0.96 6.00 -21.25
N PRO A 59 -0.34 4.81 -21.09
CA PRO A 59 0.58 4.54 -19.98
C PRO A 59 1.92 5.23 -20.18
N GLU A 60 2.16 5.68 -21.40
CA GLU A 60 3.37 6.41 -21.73
C GLU A 60 3.24 7.86 -21.29
N GLU A 61 1.98 8.27 -21.07
CA GLU A 61 1.59 9.65 -20.77
C GLU A 61 1.80 10.57 -21.97
N GLY A 62 2.97 10.47 -22.60
CA GLY A 62 3.22 11.23 -23.81
C GLY A 62 4.62 11.82 -23.81
N PHE A 63 5.21 11.89 -22.63
CA PHE A 63 6.53 12.46 -22.44
C PHE A 63 7.44 11.46 -21.73
N ILE A 64 8.07 10.61 -22.51
CA ILE A 64 8.98 9.61 -21.95
C ILE A 64 10.14 10.31 -21.25
N HIS A 65 10.79 11.22 -21.96
CA HIS A 65 11.81 12.09 -21.36
C HIS A 65 12.38 13.04 -22.39
N THR A 66 12.98 12.46 -23.42
CA THR A 66 13.74 13.20 -24.42
C THR A 66 14.82 14.07 -23.76
N GLN A 67 14.48 15.34 -23.49
CA GLN A 67 15.42 16.30 -22.90
C GLN A 67 16.80 16.22 -23.54
N TYR A 68 16.83 15.96 -24.84
CA TYR A 68 18.07 15.65 -25.53
C TYR A 68 17.81 15.53 -27.01
N GLY A 69 16.62 15.06 -27.35
CA GLY A 69 16.25 14.90 -28.74
C GLY A 69 16.77 13.61 -29.32
N GLN A 70 18.00 13.64 -29.78
CA GLN A 70 18.61 12.48 -30.43
C GLN A 70 19.76 11.94 -29.60
N LYS A 71 19.60 10.71 -29.13
CA LYS A 71 20.65 10.06 -28.37
C LYS A 71 20.98 8.70 -28.98
N PRO A 72 21.87 8.67 -29.99
CA PRO A 72 22.35 7.45 -30.61
C PRO A 72 23.49 6.83 -29.80
N GLU A 73 23.85 7.50 -28.71
CA GLU A 73 24.89 7.02 -27.83
C GLU A 73 24.36 5.96 -26.89
N GLN A 74 25.15 4.92 -26.69
CA GLN A 74 24.80 3.87 -25.75
C GLN A 74 25.18 4.30 -24.35
N PRO A 75 24.21 4.27 -23.41
CA PRO A 75 24.43 4.69 -22.02
C PRO A 75 25.55 3.91 -21.34
N SER A 76 26.73 4.53 -21.29
CA SER A 76 27.89 3.92 -20.68
C SER A 76 28.03 4.38 -19.23
N GLY A 77 27.36 3.69 -18.34
CA GLY A 77 27.43 4.01 -16.93
C GLY A 77 28.38 3.10 -16.19
N ALA A 78 29.51 2.81 -16.83
CA ALA A 78 30.50 1.93 -16.25
C ALA A 78 31.90 2.28 -16.78
N SER A 79 32.88 2.21 -15.89
CA SER A 79 34.28 2.52 -16.24
C SER A 79 34.42 4.00 -16.62
N ALA A 80 35.62 4.37 -17.10
CA ALA A 80 35.91 5.75 -17.52
C ALA A 80 35.79 6.73 -16.36
N GLY A 81 35.92 8.02 -16.66
CA GLY A 81 35.76 9.03 -15.65
C GLY A 81 36.97 9.18 -14.76
N HIS A 82 38.16 9.00 -15.31
CA HIS A 82 39.38 9.20 -14.55
C HIS A 82 39.88 10.63 -14.75
N ARG A 83 38.92 11.51 -15.04
CA ARG A 83 39.17 12.92 -15.37
C ARG A 83 39.52 13.74 -14.13
N PHE A 84 40.20 13.10 -13.20
CA PHE A 84 40.59 13.69 -11.92
C PHE A 84 39.38 14.20 -11.10
N PRO A 85 38.22 13.49 -11.07
CA PRO A 85 37.07 13.92 -10.27
C PRO A 85 37.24 13.53 -8.81
N GLN A 86 37.79 12.34 -8.61
CA GLN A 86 38.05 11.82 -7.26
C GLN A 86 39.36 12.38 -6.73
N GLY A 87 40.03 13.18 -7.57
CA GLY A 87 41.37 13.63 -7.24
C GLY A 87 42.42 12.67 -7.74
N TYR A 88 41.94 11.47 -8.12
CA TYR A 88 42.79 10.40 -8.64
C TYR A 88 43.87 10.00 -7.64
N HIS A 89 43.56 9.02 -6.81
CA HIS A 89 44.50 8.53 -5.81
C HIS A 89 44.23 7.07 -5.48
N SER A 90 43.51 6.40 -6.38
CA SER A 90 43.19 4.99 -6.18
C SER A 90 44.19 4.09 -6.88
N ASP A 91 45.36 4.64 -7.18
CA ASP A 91 46.42 3.88 -7.83
C ASP A 91 47.04 2.87 -6.85
N LYS A 92 47.83 3.38 -5.91
CA LYS A 92 48.45 2.56 -4.85
C LYS A 92 49.51 1.60 -5.40
N ARG A 93 49.75 1.67 -6.71
CA ARG A 93 50.77 0.86 -7.41
C ARG A 93 50.42 -0.63 -7.43
N ARG A 94 50.20 -1.21 -6.25
CA ARG A 94 49.92 -2.64 -6.09
C ARG A 94 51.16 -3.47 -6.42
N LEU A 95 52.10 -3.49 -5.48
CA LEU A 95 53.36 -4.21 -5.68
C LEU A 95 53.18 -5.70 -5.37
N SER A 96 52.19 -6.01 -4.54
CA SER A 96 51.82 -7.38 -4.18
C SER A 96 52.87 -8.04 -3.26
N LYS A 97 54.12 -8.09 -3.72
CA LYS A 97 55.17 -8.77 -2.95
C LYS A 97 55.73 -7.88 -1.84
N ALA A 98 55.44 -6.59 -1.90
CA ALA A 98 55.94 -5.60 -0.92
C ALA A 98 57.46 -5.49 -0.98
N SER A 99 57.95 -4.42 -1.58
CA SER A 99 59.39 -4.22 -1.81
C SER A 99 60.15 -4.09 -0.49
N SER A 100 59.84 -3.04 0.27
CA SER A 100 60.54 -2.79 1.51
C SER A 100 59.98 -3.64 2.65
N LYS A 101 60.38 -4.90 2.68
CA LYS A 101 59.91 -5.86 3.67
C LYS A 101 60.19 -5.43 5.10
N ALA A 102 61.44 -5.13 5.37
CA ALA A 102 61.87 -4.80 6.73
C ALA A 102 61.78 -3.30 6.99
N ARG A 103 60.85 -2.62 6.30
CA ARG A 103 60.59 -1.17 6.47
C ARG A 103 61.73 -0.33 5.87
N SER A 104 62.94 -0.85 5.94
CA SER A 104 64.16 -0.15 5.52
C SER A 104 64.44 1.00 6.48
N ASP A 105 64.02 0.82 7.73
CA ASP A 105 64.33 1.78 8.78
C ASP A 105 65.80 1.66 9.14
N ASP A 106 66.30 0.43 9.06
CA ASP A 106 67.72 0.19 9.18
C ASP A 106 68.37 0.64 7.89
N LEU A 107 69.06 1.77 7.97
CA LEU A 107 69.58 2.47 6.79
C LEU A 107 70.62 1.62 6.03
N SER A 108 70.98 0.48 6.59
CA SER A 108 71.97 -0.39 5.97
C SER A 108 71.32 -1.25 4.88
N VAL A 109 70.00 -1.38 4.93
CA VAL A 109 69.29 -2.29 4.04
C VAL A 109 68.34 -1.53 3.10
#